data_9NOV
#
_entry.id   9NOV
#
_cell.length_a   1.00
_cell.length_b   1.00
_cell.length_c   1.00
_cell.angle_alpha   90.00
_cell.angle_beta   90.00
_cell.angle_gamma   90.00
#
_symmetry.space_group_name_H-M   'P 1'
#
loop_
_entity.id
_entity.type
_entity.pdbx_description
1 polymer 'Taste receptor type 1 member 3'
2 polymer 'Taste receptor type 1 member 2'
3 branched 4-chloro-4-deoxy-alpha-D-galactopyranose-(1-2)-1,6-dichloro-1,6-dideoxy-beta-D-fructofuranose
4 non-polymer 2-acetamido-2-deoxy-beta-D-glucopyranose
#
loop_
_entity_poly.entity_id
_entity_poly.type
_entity_poly.pdbx_seq_one_letter_code
_entity_poly.pdbx_strand_id
1 'polypeptide(L)'
;MKTIIALSYIFCLVFADYKDDDDKAAAAPLCLSQQLRMKGDYVLGGLFPLGEAEEAGLRSRTRPSSPVCTRFSSNGLLWA
LAMKMAVEEINNKSDLLPGLRLGYDLFDTCSEPVVAMKPSLMFLAKAGSRDIAAYCNYTQYQPRVLAVIGPHSSELAMVT
GKFFSFFLMPQVSYGASMELLSARETFPSFFRTVPSDRVQLTAAAELLQEFGWNWVAALGSDDEYGRQGLSIFSALAAAR
GICIAHEGLVPLPRADDSRLGKVQDVLHQVNQSSVQVVLLFASVHAAHALFNYSISSRLSPKVWVASEAWLTSDLVMGLP
GMAQMGTVLGFLQRGAQLHEFPQYVKTHLALATDPAFCSALGEREQGLEEDVVGQRCPQCDCITLQNVSAGLNHHQTFSV
YAAVYSVAQALHNTLQCNASGCPAQDPVKPWQLLENMYNLTFHVGGLPLRFDSSGNVDMEYDLKLWVWQGSVPRLHDVGR
FNGSLRTERLKIRWHTSDNQKPVSRCSRQCQEGQVRRVKGFHSCCYDC
;
B
2 'polypeptide(L)'
;MKTIIALSYIFCLVFAYPYDVPDYAAAAEPAENSDFYLPGDYLLGGLFSLHANMKGIVHLNFLQVPMCKEYEVKVIGYNL
MQAMRFAVEEINNDSSLLPGVLLGYEIVDVCYISNNVQPVLYFLAHEDNLLPIQEDYSNYISRVVAVIGPDNSESVMTVA
NFLSLFLLPQITYSAISDELRDKVRFPALLRTTPSADHHIEAMVQLMLHFRWNWIIVLVSSDTYGRDNGQLLGERVARRD
ICIAFQETLPTLQPNQNMTSEERQRLVTIVDKLQQSTARVVVVFSPDLTLYHFFNEVLRQNFTGAVWIASESWAIDPVLH
NLTELRHLGTFLGITIQSVPIPGFSEFREWGPQAGPPPLSRTSQSYTCNQECDNCLNATLSFNTILRLSGERVVYSVYSA
VYAVAHALHSLLGCDKSTCTKRVVYPWQLLEEIWKVNFTLLDHQIFFDPQGDVALHLEIVQWQWDRSQNPFQSVASYYPL
QRQLKNIQDISWHTINNTIPMSMCSKRCQSGQKKKPVGIHVCCFECI
;
A
#
loop_
_chem_comp.id
_chem_comp.type
_chem_comp.name
_chem_comp.formula
NAG D-saccharide, beta linking 2-acetamido-2-deoxy-beta-D-glucopyranose 'C8 H15 N O6'
RRJ D-saccharide, alpha linking 4-chloro-4-deoxy-alpha-D-galactopyranose 'C6 H11 Cl O5'
RRY D-saccharide, beta linking 1,6-dichloro-1,6-dideoxy-beta-D-fructofuranose 'C6 H10 Cl2 O4'
#
# COMPACT_ATOMS: atom_id res chain seq x y z
N LEU A 30 -4.37 -39.91 -8.65
CA LEU A 30 -4.81 -39.87 -7.26
C LEU A 30 -6.22 -39.30 -7.15
N CYS A 31 -6.70 -38.73 -8.27
CA CYS A 31 -8.03 -38.13 -8.36
C CYS A 31 -8.33 -37.18 -7.20
N LEU A 32 -7.30 -36.49 -6.73
CA LEU A 32 -7.51 -35.45 -5.72
C LEU A 32 -8.06 -34.17 -6.33
N SER A 33 -7.62 -33.82 -7.54
CA SER A 33 -8.05 -32.56 -8.15
C SER A 33 -9.53 -32.56 -8.47
N GLN A 34 -10.11 -33.73 -8.75
CA GLN A 34 -11.54 -33.79 -9.02
C GLN A 34 -12.37 -33.41 -7.81
N GLN A 35 -11.81 -33.49 -6.62
CA GLN A 35 -12.51 -33.11 -5.39
C GLN A 35 -12.36 -31.64 -5.05
N LEU A 36 -11.61 -30.88 -5.85
CA LEU A 36 -11.46 -29.45 -5.60
C LEU A 36 -12.71 -28.66 -5.93
N ARG A 37 -13.68 -29.26 -6.60
CA ARG A 37 -14.94 -28.60 -6.94
C ARG A 37 -16.10 -29.50 -6.54
N MET A 38 -17.07 -28.96 -5.83
CA MET A 38 -18.23 -29.71 -5.41
C MET A 38 -19.46 -28.82 -5.50
N LYS A 39 -20.53 -29.33 -6.11
CA LYS A 39 -21.74 -28.56 -6.30
C LYS A 39 -22.55 -28.49 -5.01
N GLY A 40 -23.44 -27.50 -4.95
CA GLY A 40 -24.29 -27.32 -3.80
C GLY A 40 -25.19 -26.12 -3.99
N ASP A 41 -26.07 -25.91 -3.00
CA ASP A 41 -27.00 -24.79 -3.06
C ASP A 41 -26.26 -23.46 -3.01
N TYR A 42 -25.26 -23.34 -2.14
CA TYR A 42 -24.49 -22.11 -1.98
C TYR A 42 -23.02 -22.47 -1.99
N VAL A 43 -22.41 -22.40 -3.18
CA VAL A 43 -21.00 -22.73 -3.27
C VAL A 43 -20.16 -21.64 -2.62
N LEU A 44 -18.97 -22.01 -2.19
CA LEU A 44 -18.02 -21.09 -1.60
C LEU A 44 -16.83 -20.92 -2.54
N GLY A 45 -16.04 -19.88 -2.29
CA GLY A 45 -14.84 -19.64 -3.04
C GLY A 45 -13.63 -20.24 -2.34
N GLY A 46 -12.50 -20.22 -3.05
CA GLY A 46 -11.27 -20.67 -2.46
C GLY A 46 -10.05 -20.13 -3.17
N LEU A 47 -9.12 -19.54 -2.43
CA LEU A 47 -7.86 -19.05 -2.98
C LEU A 47 -6.75 -19.58 -2.10
N PHE A 48 -6.01 -20.56 -2.61
CA PHE A 48 -4.98 -21.24 -1.83
C PHE A 48 -3.67 -21.24 -2.60
N PRO A 49 -2.54 -21.24 -1.89
CA PRO A 49 -1.23 -21.37 -2.57
C PRO A 49 -0.89 -22.81 -2.90
N LEU A 50 -1.70 -23.42 -3.76
CA LEU A 50 -1.48 -24.82 -4.12
C LEU A 50 -0.16 -25.01 -4.84
N GLY A 51 0.19 -24.09 -5.74
CA GLY A 51 1.40 -24.23 -6.51
C GLY A 51 2.23 -22.95 -6.47
N GLU A 52 3.51 -23.11 -6.81
CA GLU A 52 4.45 -22.01 -6.88
C GLU A 52 5.13 -22.04 -8.25
N ALA A 53 5.90 -20.99 -8.53
CA ALA A 53 6.59 -20.87 -9.82
C ALA A 53 7.73 -21.88 -9.93
N ARG A 61 6.63 -12.65 -19.65
CA ARG A 61 5.40 -12.83 -20.42
C ARG A 61 5.13 -11.64 -21.32
N THR A 62 5.25 -11.85 -22.63
CA THR A 62 5.04 -10.81 -23.62
C THR A 62 3.65 -10.84 -24.23
N ARG A 63 2.79 -11.74 -23.78
CA ARG A 63 1.43 -11.90 -24.27
C ARG A 63 0.48 -11.92 -23.09
N PRO A 64 -0.79 -11.56 -23.30
CA PRO A 64 -1.74 -11.50 -22.18
C PRO A 64 -2.28 -12.87 -21.77
N SER A 65 -1.38 -13.72 -21.30
CA SER A 65 -1.72 -15.08 -20.90
C SER A 65 -1.47 -15.26 -19.41
N SER A 66 -2.34 -15.99 -18.76
CA SER A 66 -2.19 -16.26 -17.33
C SER A 66 -1.07 -17.28 -17.13
N PRO A 67 -0.02 -16.96 -16.40
CA PRO A 67 1.05 -17.93 -16.17
C PRO A 67 0.56 -19.13 -15.40
N VAL A 68 1.16 -20.29 -15.68
CA VAL A 68 0.81 -21.54 -15.02
C VAL A 68 1.93 -21.93 -14.07
N CYS A 69 1.56 -22.31 -12.86
CA CYS A 69 2.50 -22.75 -11.85
C CYS A 69 2.49 -24.27 -11.78
N THR A 70 3.67 -24.88 -11.90
CA THR A 70 3.78 -26.32 -11.94
C THR A 70 4.33 -26.93 -10.65
N ARG A 71 5.23 -26.24 -9.97
CA ARG A 71 5.79 -26.77 -8.72
C ARG A 71 4.68 -26.88 -7.67
N PHE A 72 4.74 -27.94 -6.87
CA PHE A 72 3.71 -28.26 -5.90
C PHE A 72 4.11 -27.78 -4.51
N SER A 73 3.12 -27.30 -3.76
CA SER A 73 3.34 -26.82 -2.40
C SER A 73 2.44 -27.61 -1.45
N SER A 74 3.01 -28.07 -0.35
CA SER A 74 2.25 -28.87 0.61
C SER A 74 1.33 -28.02 1.47
N ASN A 75 1.74 -26.80 1.79
CA ASN A 75 0.91 -25.95 2.66
C ASN A 75 -0.43 -25.64 2.01
N GLY A 76 -0.42 -25.27 0.73
CA GLY A 76 -1.67 -24.96 0.06
C GLY A 76 -2.59 -26.16 -0.01
N LEU A 77 -2.04 -27.32 -0.32
CA LEU A 77 -2.86 -28.53 -0.39
C LEU A 77 -3.43 -28.87 0.98
N LEU A 78 -2.64 -28.71 2.04
CA LEU A 78 -3.14 -29.01 3.38
C LEU A 78 -4.25 -28.05 3.76
N TRP A 79 -4.11 -26.77 3.44
CA TRP A 79 -5.18 -25.82 3.74
C TRP A 79 -6.44 -26.13 2.93
N ALA A 80 -6.26 -26.51 1.66
CA ALA A 80 -7.43 -26.89 0.85
C ALA A 80 -8.13 -28.09 1.43
N LEU A 81 -7.37 -29.09 1.86
CA LEU A 81 -7.98 -30.26 2.51
C LEU A 81 -8.67 -29.87 3.80
N ALA A 82 -8.10 -28.91 4.53
CA ALA A 82 -8.75 -28.43 5.75
C ALA A 82 -10.10 -27.79 5.45
N MET A 83 -10.16 -26.93 4.45
CA MET A 83 -11.43 -26.31 4.10
C MET A 83 -12.43 -27.35 3.60
N LYS A 84 -11.95 -28.32 2.82
CA LYS A 84 -12.83 -29.39 2.35
C LYS A 84 -13.39 -30.18 3.51
N MET A 85 -12.55 -30.51 4.50
CA MET A 85 -13.03 -31.20 5.68
C MET A 85 -14.05 -30.38 6.44
N ALA A 86 -13.80 -29.07 6.57
CA ALA A 86 -14.74 -28.21 7.27
C ALA A 86 -16.10 -28.20 6.56
N VAL A 87 -16.09 -28.05 5.25
CA VAL A 87 -17.34 -28.01 4.50
C VAL A 87 -18.08 -29.33 4.61
N GLU A 88 -17.35 -30.44 4.47
CA GLU A 88 -18.02 -31.74 4.54
C GLU A 88 -18.60 -32.01 5.92
N GLU A 89 -17.89 -31.61 6.98
CA GLU A 89 -18.43 -31.84 8.32
C GLU A 89 -19.56 -30.87 8.64
N ILE A 90 -19.59 -29.71 7.98
CA ILE A 90 -20.73 -28.81 8.13
C ILE A 90 -21.95 -29.39 7.44
N ASN A 91 -21.76 -29.98 6.25
CA ASN A 91 -22.86 -30.67 5.60
C ASN A 91 -23.33 -31.85 6.43
N ASN A 92 -22.41 -32.54 7.11
CA ASN A 92 -22.80 -33.62 8.00
C ASN A 92 -23.66 -33.11 9.14
N LYS A 93 -23.37 -31.92 9.65
CA LYS A 93 -24.13 -31.37 10.77
C LYS A 93 -25.58 -31.15 10.36
N SER A 94 -26.48 -31.36 11.32
CA SER A 94 -27.91 -31.20 11.09
C SER A 94 -28.43 -29.85 11.56
N ASP A 95 -28.04 -29.41 12.75
CA ASP A 95 -28.56 -28.15 13.29
C ASP A 95 -27.94 -26.93 12.63
N LEU A 96 -26.88 -27.09 11.82
CA LEU A 96 -26.25 -26.00 11.11
C LEU A 96 -26.44 -26.22 9.61
N LEU A 97 -27.01 -25.23 8.94
CA LEU A 97 -27.37 -25.33 7.53
C LEU A 97 -28.16 -26.60 7.23
N PRO A 98 -29.39 -26.71 7.77
CA PRO A 98 -30.17 -27.93 7.54
C PRO A 98 -30.84 -27.88 6.18
N GLY A 99 -30.75 -28.99 5.45
CA GLY A 99 -31.41 -29.10 4.17
C GLY A 99 -30.76 -28.33 3.05
N LEU A 100 -29.56 -27.80 3.25
CA LEU A 100 -28.82 -27.11 2.21
C LEU A 100 -27.43 -27.71 2.10
N ARG A 101 -26.96 -27.88 0.88
CA ARG A 101 -25.64 -28.40 0.61
C ARG A 101 -24.69 -27.23 0.37
N LEU A 102 -23.53 -27.27 1.01
CA LEU A 102 -22.52 -26.23 0.87
C LEU A 102 -21.44 -26.71 -0.08
N GLY A 103 -21.21 -25.96 -1.15
CA GLY A 103 -20.20 -26.30 -2.13
C GLY A 103 -18.92 -25.52 -1.93
N TYR A 104 -18.00 -25.69 -2.87
CA TYR A 104 -16.74 -24.96 -2.85
C TYR A 104 -16.06 -25.10 -4.20
N ASP A 105 -15.30 -24.08 -4.57
CA ASP A 105 -14.49 -24.07 -5.79
C ASP A 105 -13.07 -23.68 -5.40
N LEU A 106 -12.27 -24.66 -5.03
CA LEU A 106 -10.88 -24.39 -4.64
C LEU A 106 -10.06 -24.05 -5.88
N PHE A 107 -9.30 -22.96 -5.80
CA PHE A 107 -8.53 -22.47 -6.93
C PHE A 107 -7.08 -22.31 -6.54
N ASP A 108 -6.19 -22.73 -7.43
CA ASP A 108 -4.76 -22.57 -7.21
C ASP A 108 -4.36 -21.15 -7.58
N THR A 109 -3.91 -20.39 -6.60
CA THR A 109 -3.28 -19.10 -6.85
C THR A 109 -1.84 -19.19 -6.35
N CYS A 110 -0.90 -18.87 -7.23
CA CYS A 110 0.48 -18.77 -6.79
C CYS A 110 0.62 -17.53 -5.91
N SER A 111 1.84 -17.32 -5.40
CA SER A 111 2.07 -16.12 -4.61
C SER A 111 1.86 -14.85 -5.43
N GLU A 112 1.99 -14.94 -6.76
CA GLU A 112 1.77 -13.79 -7.61
C GLU A 112 0.28 -13.42 -7.64
N PRO A 113 -0.04 -12.15 -7.84
CA PRO A 113 -1.45 -11.76 -7.95
C PRO A 113 -1.97 -11.85 -9.38
N VAL A 114 -1.07 -11.88 -10.36
CA VAL A 114 -1.50 -11.96 -11.75
C VAL A 114 -2.22 -13.29 -12.00
N VAL A 115 -1.67 -14.38 -11.48
CA VAL A 115 -2.35 -15.67 -11.61
C VAL A 115 -3.63 -15.68 -10.80
N ALA A 116 -3.65 -15.00 -9.66
CA ALA A 116 -4.80 -15.05 -8.76
C ALA A 116 -5.95 -14.14 -9.18
N MET A 117 -5.72 -13.20 -10.08
CA MET A 117 -6.79 -12.29 -10.48
C MET A 117 -7.86 -13.02 -11.30
N LYS A 118 -7.45 -13.98 -12.12
CA LYS A 118 -8.41 -14.73 -12.93
C LYS A 118 -9.42 -15.50 -12.09
N PRO A 119 -9.03 -16.23 -11.03
CA PRO A 119 -10.05 -16.88 -10.20
C PRO A 119 -11.05 -15.91 -9.58
N SER A 120 -10.63 -14.72 -9.18
CA SER A 120 -11.57 -13.75 -8.62
C SER A 120 -12.58 -13.30 -9.68
N LEU A 121 -12.11 -13.02 -10.89
CA LEU A 121 -13.02 -12.64 -11.96
C LEU A 121 -13.98 -13.76 -12.30
N MET A 122 -13.49 -15.01 -12.28
CA MET A 122 -14.39 -16.15 -12.46
C MET A 122 -15.37 -16.27 -11.30
N PHE A 123 -14.98 -15.83 -10.12
CA PHE A 123 -15.88 -15.82 -8.97
C PHE A 123 -17.03 -14.86 -9.20
N LEU A 124 -16.73 -13.65 -9.66
CA LEU A 124 -17.77 -12.64 -9.75
C LEU A 124 -18.66 -12.78 -10.98
N ALA A 125 -18.35 -13.69 -11.89
CA ALA A 125 -19.21 -13.88 -13.05
C ALA A 125 -20.51 -14.54 -12.63
N LYS A 126 -21.58 -14.24 -13.37
CA LYS A 126 -22.89 -14.80 -13.08
C LYS A 126 -22.88 -16.31 -13.28
N ALA A 127 -23.71 -17.00 -12.49
CA ALA A 127 -23.78 -18.45 -12.57
C ALA A 127 -24.25 -18.91 -13.94
N GLY A 128 -23.57 -19.90 -14.49
CA GLY A 128 -23.92 -20.43 -15.78
C GLY A 128 -23.34 -19.69 -16.97
N SER A 129 -22.59 -18.62 -16.74
CA SER A 129 -21.97 -17.87 -17.82
C SER A 129 -20.53 -17.55 -17.43
N ARG A 130 -19.69 -17.33 -18.44
CA ARG A 130 -18.29 -17.03 -18.24
C ARG A 130 -17.98 -15.55 -18.38
N ASP A 131 -19.00 -14.71 -18.43
CA ASP A 131 -18.83 -13.27 -18.64
C ASP A 131 -19.22 -12.50 -17.38
N ILE A 132 -18.38 -11.53 -17.00
CA ILE A 132 -18.63 -10.66 -15.87
C ILE A 132 -18.98 -9.28 -16.40
N ALA A 133 -20.15 -8.78 -16.06
CA ALA A 133 -20.55 -7.45 -16.47
C ALA A 133 -19.87 -6.39 -15.60
N ALA A 134 -19.86 -5.16 -16.10
CA ALA A 134 -19.33 -4.01 -15.35
C ALA A 134 -20.47 -3.04 -15.13
N TYR A 135 -21.27 -3.29 -14.09
CA TYR A 135 -22.40 -2.45 -13.81
C TYR A 135 -22.00 -1.21 -13.02
N CYS A 136 -22.97 -0.34 -12.76
CA CYS A 136 -22.69 0.89 -12.04
C CYS A 136 -22.24 0.61 -10.62
N ASN A 137 -22.90 -0.33 -9.94
CA ASN A 137 -22.59 -0.62 -8.55
C ASN A 137 -22.77 -2.11 -8.30
N TYR A 138 -22.71 -2.49 -7.02
CA TYR A 138 -22.75 -3.90 -6.65
C TYR A 138 -24.14 -4.49 -6.72
N THR A 139 -25.19 -3.67 -6.57
CA THR A 139 -26.53 -4.19 -6.41
C THR A 139 -27.04 -4.95 -7.63
N GLN A 140 -26.42 -4.74 -8.79
CA GLN A 140 -26.87 -5.37 -10.03
C GLN A 140 -26.15 -6.67 -10.34
N TYR A 141 -25.27 -7.13 -9.47
CA TYR A 141 -24.52 -8.36 -9.71
C TYR A 141 -25.22 -9.54 -9.07
N GLN A 142 -25.04 -10.72 -9.68
CA GLN A 142 -25.53 -11.98 -9.13
C GLN A 142 -24.38 -13.00 -9.18
N PRO A 143 -23.39 -12.85 -8.30
CA PRO A 143 -22.21 -13.70 -8.40
C PRO A 143 -22.53 -15.16 -8.14
N ARG A 144 -21.70 -16.03 -8.70
CA ARG A 144 -21.90 -17.46 -8.56
C ARG A 144 -21.41 -18.02 -7.23
N VAL A 145 -20.61 -17.27 -6.48
CA VAL A 145 -20.04 -17.74 -5.23
C VAL A 145 -20.60 -16.87 -4.09
N LEU A 146 -21.08 -17.53 -3.04
CA LEU A 146 -21.66 -16.80 -1.92
C LEU A 146 -20.60 -15.99 -1.18
N ALA A 147 -19.44 -16.58 -0.94
CA ALA A 147 -18.35 -15.91 -0.23
C ALA A 147 -17.02 -16.42 -0.78
N VAL A 148 -15.93 -15.85 -0.29
CA VAL A 148 -14.60 -16.22 -0.73
C VAL A 148 -13.73 -16.47 0.49
N ILE A 149 -12.97 -17.56 0.48
CA ILE A 149 -11.97 -17.82 1.52
C ILE A 149 -10.65 -17.28 0.99
N GLY A 150 -10.28 -16.09 1.44
CA GLY A 150 -9.25 -15.30 0.83
C GLY A 150 -7.86 -15.89 0.90
N PRO A 151 -6.92 -15.25 0.21
CA PRO A 151 -5.58 -15.81 0.10
C PRO A 151 -4.82 -15.73 1.41
N HIS A 152 -3.83 -16.62 1.54
CA HIS A 152 -2.98 -16.62 2.72
C HIS A 152 -2.02 -15.44 2.70
N SER A 153 -1.39 -15.17 1.56
CA SER A 153 -0.44 -14.07 1.47
C SER A 153 -1.15 -12.74 1.64
N SER A 154 -0.49 -11.81 2.34
CA SER A 154 -1.15 -10.56 2.68
C SER A 154 -1.23 -9.60 1.51
N GLU A 155 -0.21 -9.55 0.65
CA GLU A 155 -0.28 -8.69 -0.53
C GLU A 155 -1.36 -9.18 -1.49
N LEU A 156 -1.42 -10.48 -1.72
CA LEU A 156 -2.51 -11.04 -2.51
C LEU A 156 -3.85 -10.77 -1.85
N ALA A 157 -3.89 -10.81 -0.51
CA ALA A 157 -5.12 -10.50 0.20
C ALA A 157 -5.53 -9.05 -0.03
N MET A 158 -4.58 -8.13 -0.03
CA MET A 158 -4.90 -6.73 -0.32
C MET A 158 -5.47 -6.58 -1.72
N VAL A 159 -4.83 -7.21 -2.70
CA VAL A 159 -5.30 -7.08 -4.09
C VAL A 159 -6.72 -7.63 -4.21
N THR A 160 -6.95 -8.85 -3.70
CA THR A 160 -8.26 -9.45 -3.83
C THR A 160 -9.32 -8.69 -3.03
N GLY A 161 -8.95 -8.16 -1.87
CA GLY A 161 -9.90 -7.38 -1.08
C GLY A 161 -10.29 -6.09 -1.75
N LYS A 162 -9.31 -5.38 -2.33
CA LYS A 162 -9.63 -4.17 -3.08
C LYS A 162 -10.48 -4.49 -4.29
N PHE A 163 -10.32 -5.67 -4.87
CA PHE A 163 -11.18 -6.04 -6.00
C PHE A 163 -12.59 -6.38 -5.54
N PHE A 164 -12.72 -7.17 -4.48
CA PHE A 164 -14.03 -7.63 -4.03
C PHE A 164 -14.84 -6.53 -3.36
N SER A 165 -14.18 -5.52 -2.78
CA SER A 165 -14.92 -4.49 -2.05
C SER A 165 -15.87 -3.72 -2.95
N PHE A 166 -15.58 -3.66 -4.25
CA PHE A 166 -16.49 -3.00 -5.17
C PHE A 166 -17.81 -3.74 -5.27
N PHE A 167 -17.77 -5.07 -5.23
CA PHE A 167 -18.98 -5.89 -5.28
C PHE A 167 -19.50 -6.27 -3.90
N LEU A 168 -18.84 -5.83 -2.83
CA LEU A 168 -19.26 -6.14 -1.47
C LEU A 168 -19.34 -7.65 -1.24
N MET A 169 -18.42 -8.39 -1.83
CA MET A 169 -18.36 -9.83 -1.61
C MET A 169 -17.74 -10.14 -0.26
N PRO A 170 -18.42 -10.87 0.62
CA PRO A 170 -17.83 -11.20 1.92
C PRO A 170 -16.68 -12.17 1.78
N GLN A 171 -15.45 -11.69 1.99
CA GLN A 171 -14.27 -12.52 1.88
C GLN A 171 -13.59 -12.60 3.24
N VAL A 172 -13.44 -13.81 3.76
CA VAL A 172 -12.73 -14.04 5.01
C VAL A 172 -11.40 -14.71 4.69
N SER A 173 -10.34 -14.23 5.32
CA SER A 173 -8.99 -14.67 4.98
C SER A 173 -8.34 -15.32 6.18
N TYR A 174 -7.44 -16.26 5.89
CA TYR A 174 -6.62 -16.92 6.89
C TYR A 174 -5.16 -16.52 6.67
N GLY A 175 -4.48 -16.19 7.76
CA GLY A 175 -3.06 -15.89 7.67
C GLY A 175 -2.71 -14.48 7.23
N ALA A 176 -3.68 -13.69 6.77
CA ALA A 176 -3.42 -12.31 6.41
C ALA A 176 -3.45 -11.46 7.67
N SER A 177 -2.32 -10.82 7.99
CA SER A 177 -2.18 -10.15 9.27
C SER A 177 -1.79 -8.68 9.18
N MET A 178 -1.36 -8.18 8.03
CA MET A 178 -0.92 -6.80 7.98
C MET A 178 -2.10 -5.84 8.20
N GLU A 179 -1.79 -4.72 8.86
CA GLU A 179 -2.82 -3.99 9.61
C GLU A 179 -3.79 -3.25 8.71
N LEU A 180 -3.31 -2.66 7.61
CA LEU A 180 -4.18 -1.75 6.86
C LEU A 180 -5.35 -2.47 6.19
N LEU A 181 -5.41 -3.81 6.26
CA LEU A 181 -6.58 -4.53 5.80
C LEU A 181 -7.80 -4.31 6.69
N SER A 182 -7.62 -3.71 7.86
CA SER A 182 -8.73 -3.43 8.76
C SER A 182 -9.40 -2.09 8.47
N ALA A 183 -8.90 -1.34 7.50
CA ALA A 183 -9.49 -0.05 7.17
C ALA A 183 -10.83 -0.25 6.48
N ARG A 184 -11.92 -0.02 7.21
CA ARG A 184 -13.25 -0.21 6.65
C ARG A 184 -13.61 0.81 5.59
N GLU A 185 -12.81 1.86 5.44
CA GLU A 185 -13.05 2.81 4.35
C GLU A 185 -12.80 2.16 2.99
N THR A 186 -11.73 1.37 2.88
CA THR A 186 -11.34 0.79 1.61
C THR A 186 -11.45 -0.72 1.54
N PHE A 187 -11.80 -1.39 2.64
CA PHE A 187 -12.05 -2.84 2.65
C PHE A 187 -13.36 -3.12 3.38
N PRO A 188 -14.49 -2.70 2.81
CA PRO A 188 -15.77 -2.88 3.51
C PRO A 188 -16.21 -4.33 3.64
N SER A 189 -15.57 -5.26 2.94
CA SER A 189 -16.02 -6.65 2.92
C SER A 189 -14.87 -7.63 3.07
N PHE A 190 -13.85 -7.28 3.87
CA PHE A 190 -12.72 -8.16 4.11
C PHE A 190 -12.68 -8.50 5.59
N PHE A 191 -12.85 -9.78 5.90
CA PHE A 191 -12.71 -10.29 7.25
C PHE A 191 -11.48 -11.18 7.32
N ARG A 192 -11.19 -11.68 8.52
CA ARG A 192 -10.04 -12.55 8.69
C ARG A 192 -10.25 -13.39 9.93
N THR A 193 -9.43 -14.43 10.07
CA THR A 193 -9.49 -15.32 11.22
C THR A 193 -8.23 -15.30 12.06
N VAL A 194 -7.17 -14.64 11.59
CA VAL A 194 -5.96 -14.50 12.39
C VAL A 194 -5.89 -13.09 12.95
N PRO A 195 -5.35 -12.89 14.15
CA PRO A 195 -5.27 -11.53 14.69
C PRO A 195 -4.35 -10.65 13.87
N SER A 196 -4.70 -9.37 13.79
CA SER A 196 -3.91 -8.44 13.00
C SER A 196 -2.61 -8.10 13.70
N ASP A 197 -1.70 -7.48 12.95
CA ASP A 197 -0.42 -7.07 13.53
C ASP A 197 -0.59 -6.05 14.64
N ARG A 198 -1.69 -5.31 14.65
CA ARG A 198 -1.91 -4.33 15.71
C ARG A 198 -1.98 -5.01 17.07
N VAL A 199 -2.53 -6.22 17.13
CA VAL A 199 -2.68 -6.89 18.42
C VAL A 199 -1.31 -7.24 19.01
N GLN A 200 -0.45 -7.86 18.21
CA GLN A 200 0.85 -8.23 18.74
C GLN A 200 1.75 -7.01 18.95
N LEU A 201 1.58 -5.97 18.13
CA LEU A 201 2.35 -4.75 18.35
C LEU A 201 1.90 -4.03 19.62
N THR A 202 0.59 -4.01 19.88
CA THR A 202 0.10 -3.44 21.13
C THR A 202 0.58 -4.26 22.32
N ALA A 203 0.61 -5.58 22.18
CA ALA A 203 1.15 -6.41 23.26
C ALA A 203 2.62 -6.10 23.51
N ALA A 204 3.41 -5.94 22.46
CA ALA A 204 4.82 -5.59 22.62
C ALA A 204 4.97 -4.21 23.26
N ALA A 205 4.15 -3.24 22.85
CA ALA A 205 4.22 -1.91 23.43
C ALA A 205 3.85 -1.94 24.90
N GLU A 206 2.84 -2.74 25.27
CA GLU A 206 2.47 -2.88 26.67
C GLU A 206 3.58 -3.58 27.46
N LEU A 207 4.25 -4.55 26.85
CA LEU A 207 5.38 -5.18 27.53
C LEU A 207 6.50 -4.16 27.78
N LEU A 208 6.81 -3.35 26.78
CA LEU A 208 7.84 -2.32 26.95
C LEU A 208 7.45 -1.33 28.02
N GLN A 209 6.18 -0.93 28.05
CA GLN A 209 5.75 0.08 29.01
C GLN A 209 5.71 -0.48 30.43
N GLU A 210 5.17 -1.68 30.60
CA GLU A 210 5.04 -2.26 31.94
C GLU A 210 6.39 -2.51 32.58
N PHE A 211 7.34 -3.05 31.81
CA PHE A 211 8.66 -3.32 32.37
C PHE A 211 9.47 -2.06 32.60
N GLY A 212 9.02 -0.92 32.08
CA GLY A 212 9.69 0.34 32.34
C GLY A 212 10.74 0.75 31.34
N TRP A 213 10.78 0.11 30.17
CA TRP A 213 11.75 0.46 29.13
C TRP A 213 11.13 1.50 28.22
N ASN A 214 11.40 2.77 28.48
CA ASN A 214 10.88 3.84 27.65
C ASN A 214 11.94 4.43 26.74
N TRP A 215 13.01 3.69 26.47
CA TRP A 215 14.07 4.11 25.55
C TRP A 215 14.45 2.88 24.73
N VAL A 216 13.78 2.69 23.60
CA VAL A 216 13.86 1.45 22.84
C VAL A 216 14.22 1.78 21.40
N ALA A 217 14.81 0.81 20.71
CA ALA A 217 15.14 0.92 19.30
C ALA A 217 14.30 -0.07 18.51
N ALA A 218 13.69 0.39 17.43
CA ALA A 218 12.77 -0.41 16.64
C ALA A 218 13.35 -0.68 15.26
N LEU A 219 13.24 -1.92 14.81
CA LEU A 219 13.73 -2.35 13.51
C LEU A 219 12.63 -3.11 12.79
N GLY A 220 12.82 -3.29 11.49
CA GLY A 220 11.85 -4.05 10.71
C GLY A 220 12.44 -4.43 9.37
N SER A 221 11.79 -5.40 8.73
CA SER A 221 12.24 -5.85 7.42
C SER A 221 11.97 -4.79 6.36
N ASP A 222 12.74 -4.85 5.28
CA ASP A 222 12.52 -3.92 4.18
C ASP A 222 11.25 -4.26 3.40
N ASP A 223 10.72 -5.46 3.56
CA ASP A 223 9.48 -5.81 2.90
C ASP A 223 8.32 -5.01 3.49
N GLU A 224 7.16 -5.14 2.87
CA GLU A 224 5.99 -4.40 3.34
C GLU A 224 5.63 -4.78 4.77
N TYR A 225 5.86 -6.03 5.15
CA TYR A 225 5.50 -6.48 6.49
C TYR A 225 6.23 -5.67 7.56
N GLY A 226 7.55 -5.55 7.42
CA GLY A 226 8.31 -4.80 8.41
C GLY A 226 7.98 -3.32 8.42
N ARG A 227 7.80 -2.73 7.23
CA ARG A 227 7.47 -1.31 7.17
C ARG A 227 6.13 -1.02 7.83
N GLN A 228 5.13 -1.86 7.57
CA GLN A 228 3.84 -1.69 8.22
C GLN A 228 3.94 -1.87 9.72
N GLY A 229 4.68 -2.89 10.16
CA GLY A 229 4.85 -3.07 11.58
C GLY A 229 5.49 -1.87 12.25
N LEU A 230 6.52 -1.31 11.62
CA LEU A 230 7.18 -0.13 12.17
C LEU A 230 6.24 1.06 12.21
N SER A 231 5.45 1.26 11.15
CA SER A 231 4.54 2.40 11.12
C SER A 231 3.49 2.31 12.22
N ILE A 232 2.97 1.10 12.47
CA ILE A 232 2.01 0.96 13.57
C ILE A 232 2.70 1.14 14.91
N PHE A 233 3.91 0.59 15.06
CA PHE A 233 4.55 0.64 16.36
C PHE A 233 4.99 2.05 16.73
N SER A 234 5.35 2.88 15.75
CA SER A 234 5.69 4.26 16.08
C SER A 234 4.50 4.98 16.70
N ALA A 235 3.32 4.81 16.11
CA ALA A 235 2.11 5.43 16.68
C ALA A 235 1.78 4.85 18.05
N LEU A 236 1.90 3.53 18.20
CA LEU A 236 1.60 2.91 19.49
C LEU A 236 2.53 3.43 20.57
N ALA A 237 3.82 3.53 20.26
CA ALA A 237 4.79 4.04 21.21
C ALA A 237 4.49 5.50 21.56
N ALA A 238 4.30 6.34 20.55
CA ALA A 238 4.01 7.74 20.81
C ALA A 238 2.75 7.90 21.66
N ALA A 239 1.78 7.00 21.52
CA ALA A 239 0.61 7.05 22.38
C ALA A 239 0.92 6.57 23.79
N ARG A 240 1.83 5.61 23.95
CA ARG A 240 2.10 5.01 25.24
C ARG A 240 3.24 5.65 25.99
N GLY A 241 3.83 6.73 25.48
CA GLY A 241 4.89 7.43 26.16
C GLY A 241 6.29 7.03 25.75
N ILE A 242 6.47 5.77 25.33
CA ILE A 242 7.75 5.35 24.77
C ILE A 242 7.95 6.04 23.43
N CYS A 243 9.20 6.17 23.01
CA CYS A 243 9.46 6.40 21.59
C CYS A 243 10.89 6.01 21.23
N ILE A 244 11.09 5.91 19.92
CA ILE A 244 12.18 5.14 19.34
C ILE A 244 13.47 5.96 19.40
N ALA A 245 14.57 5.30 19.74
CA ALA A 245 15.89 5.90 19.59
C ALA A 245 16.30 5.94 18.12
N HIS A 246 16.10 4.83 17.40
CA HIS A 246 16.44 4.75 16.00
C HIS A 246 15.49 3.79 15.32
N GLU A 247 14.84 4.24 14.25
CA GLU A 247 13.89 3.44 13.50
C GLU A 247 14.55 3.15 12.16
N GLY A 248 14.97 1.90 11.96
CA GLY A 248 15.67 1.48 10.78
C GLY A 248 14.98 0.34 10.06
N LEU A 249 15.60 -0.08 8.95
CA LEU A 249 15.12 -1.21 8.17
C LEU A 249 16.29 -2.11 7.85
N VAL A 250 16.10 -3.41 8.04
CA VAL A 250 17.14 -4.41 7.78
C VAL A 250 16.84 -5.06 6.44
N PRO A 251 17.71 -4.90 5.44
CA PRO A 251 17.41 -5.46 4.12
C PRO A 251 17.46 -6.98 4.12
N LEU A 252 16.62 -7.57 3.28
CA LEU A 252 16.55 -9.01 3.15
C LEU A 252 17.75 -9.54 2.38
N PRO A 253 18.21 -10.76 2.69
CA PRO A 253 19.37 -11.33 2.00
C PRO A 253 19.07 -11.66 0.53
N LYS A 262 23.76 -0.56 4.93
CA LYS A 262 22.91 -1.73 5.00
C LYS A 262 22.74 -2.24 6.43
N VAL A 263 22.81 -3.56 6.60
CA VAL A 263 22.67 -4.15 7.94
C VAL A 263 23.78 -3.66 8.85
N GLN A 264 24.99 -3.49 8.30
CA GLN A 264 26.10 -2.96 9.08
C GLN A 264 25.77 -1.56 9.61
N ASP A 265 25.24 -0.70 8.74
CA ASP A 265 24.88 0.65 9.14
C ASP A 265 23.77 0.64 10.18
N VAL A 266 22.79 -0.24 10.00
CA VAL A 266 21.69 -0.31 10.96
C VAL A 266 22.20 -0.73 12.33
N LEU A 267 23.06 -1.74 12.38
CA LEU A 267 23.64 -2.17 13.64
C LEU A 267 24.48 -1.07 14.27
N HIS A 268 25.24 -0.34 13.44
CA HIS A 268 26.03 0.77 13.95
C HIS A 268 25.13 1.83 14.59
N GLN A 269 24.04 2.18 13.92
CA GLN A 269 23.14 3.20 14.45
C GLN A 269 22.48 2.73 15.74
N VAL A 270 22.08 1.46 15.79
CA VAL A 270 21.48 0.93 17.02
C VAL A 270 22.49 0.95 18.15
N ASN A 271 23.75 0.63 17.85
CA ASN A 271 24.79 0.61 18.87
C ASN A 271 25.16 2.02 19.34
N GLN A 272 24.95 3.02 18.48
CA GLN A 272 25.34 4.39 18.83
C GLN A 272 24.58 4.88 20.06
N SER A 273 23.28 4.61 20.12
CA SER A 273 22.49 4.98 21.29
C SER A 273 22.62 3.91 22.36
N SER A 274 22.50 4.34 23.62
CA SER A 274 22.68 3.45 24.77
C SER A 274 21.35 2.75 25.07
N VAL A 275 20.93 1.92 24.11
CA VAL A 275 19.62 1.28 24.13
C VAL A 275 19.81 -0.22 24.31
N GLN A 276 19.17 -0.77 25.35
CA GLN A 276 19.30 -2.17 25.70
C GLN A 276 18.13 -3.02 25.26
N VAL A 277 17.09 -2.42 24.68
CA VAL A 277 15.92 -3.13 24.20
C VAL A 277 15.77 -2.84 22.71
N VAL A 278 15.70 -3.89 21.90
CA VAL A 278 15.54 -3.74 20.46
C VAL A 278 14.35 -4.58 20.03
N LEU A 279 13.39 -3.96 19.37
CA LEU A 279 12.22 -4.65 18.85
C LEU A 279 12.47 -4.97 17.38
N LEU A 280 12.65 -6.25 17.08
CA LEU A 280 12.98 -6.69 15.73
C LEU A 280 11.72 -7.29 15.09
N PHE A 281 10.89 -6.40 14.54
CA PHE A 281 9.68 -6.81 13.84
C PHE A 281 10.05 -7.11 12.39
N ALA A 282 10.62 -8.30 12.19
CA ALA A 282 11.14 -8.69 10.89
C ALA A 282 10.69 -10.09 10.54
N SER A 283 10.75 -10.40 9.24
CA SER A 283 10.50 -11.75 8.76
C SER A 283 11.63 -12.66 9.19
N VAL A 284 11.51 -13.95 8.83
CA VAL A 284 12.51 -14.92 9.26
C VAL A 284 13.87 -14.63 8.62
N HIS A 285 13.86 -14.32 7.32
CA HIS A 285 15.13 -14.17 6.61
C HIS A 285 15.89 -12.94 7.10
N ALA A 286 15.18 -11.81 7.27
CA ALA A 286 15.86 -10.61 7.75
C ALA A 286 16.40 -10.80 9.17
N ALA A 287 15.61 -11.41 10.05
CA ALA A 287 16.06 -11.65 11.41
C ALA A 287 17.28 -12.56 11.44
N HIS A 288 17.24 -13.65 10.66
CA HIS A 288 18.36 -14.57 10.62
C HIS A 288 19.61 -13.88 10.07
N ALA A 289 19.46 -13.09 9.01
CA ALA A 289 20.62 -12.40 8.45
C ALA A 289 21.21 -11.41 9.44
N LEU A 290 20.36 -10.65 10.12
CA LEU A 290 20.85 -9.70 11.12
C LEU A 290 21.59 -10.43 12.24
N PHE A 291 21.03 -11.53 12.71
CA PHE A 291 21.67 -12.25 13.81
C PHE A 291 22.99 -12.85 13.36
N ASN A 292 23.05 -13.38 12.14
CA ASN A 292 24.30 -13.92 11.63
C ASN A 292 25.38 -12.84 11.55
N TYR A 293 25.03 -11.69 10.99
CA TYR A 293 26.01 -10.61 10.87
C TYR A 293 26.45 -10.12 12.25
N SER A 294 25.51 -9.96 13.18
CA SER A 294 25.88 -9.49 14.51
C SER A 294 26.73 -10.52 15.23
N ILE A 295 26.52 -11.81 14.96
CA ILE A 295 27.43 -12.82 15.50
C ILE A 295 28.81 -12.64 14.92
N SER A 296 28.91 -12.36 13.62
CA SER A 296 30.21 -12.15 13.01
C SER A 296 30.94 -10.97 13.62
N SER A 297 30.22 -9.93 14.03
CA SER A 297 30.83 -8.75 14.61
C SER A 297 30.89 -8.78 16.14
N ARG A 298 30.41 -9.86 16.76
CA ARG A 298 30.42 -10.02 18.21
C ARG A 298 29.72 -8.85 18.91
N LEU A 299 28.44 -8.69 18.59
CA LEU A 299 27.63 -7.65 19.20
C LEU A 299 27.33 -7.98 20.65
N SER A 300 27.22 -6.93 21.47
CA SER A 300 26.90 -7.10 22.88
C SER A 300 25.47 -7.61 23.04
N PRO A 301 25.16 -8.27 24.15
CA PRO A 301 23.79 -8.77 24.35
C PRO A 301 22.79 -7.64 24.46
N LYS A 302 21.58 -7.90 23.98
CA LYS A 302 20.47 -6.97 24.08
C LYS A 302 19.19 -7.76 24.26
N VAL A 303 18.14 -7.08 24.73
CA VAL A 303 16.83 -7.71 24.92
C VAL A 303 16.06 -7.55 23.62
N TRP A 304 16.00 -8.63 22.84
CA TRP A 304 15.31 -8.60 21.55
C TRP A 304 13.84 -8.95 21.76
N VAL A 305 12.96 -8.06 21.31
CA VAL A 305 11.53 -8.33 21.30
C VAL A 305 11.18 -8.89 19.94
N ALA A 306 10.62 -10.10 19.92
CA ALA A 306 10.44 -10.87 18.71
C ALA A 306 8.99 -10.86 18.26
N SER A 307 8.78 -10.73 16.95
CA SER A 307 7.47 -10.93 16.37
C SER A 307 7.22 -12.41 16.19
N GLU A 308 5.98 -12.76 15.82
CA GLU A 308 5.64 -14.15 15.59
C GLU A 308 6.38 -14.74 14.39
N ALA A 309 6.98 -13.90 13.54
CA ALA A 309 7.61 -14.40 12.33
C ALA A 309 8.82 -15.27 12.64
N TRP A 310 9.68 -14.82 13.57
CA TRP A 310 10.89 -15.56 13.89
C TRP A 310 10.99 -15.97 15.36
N LEU A 311 9.95 -15.72 16.16
CA LEU A 311 10.02 -16.10 17.57
C LEU A 311 10.16 -17.62 17.72
N THR A 312 9.44 -18.38 16.89
CA THR A 312 9.45 -19.83 16.98
C THR A 312 10.19 -20.51 15.84
N SER A 313 10.65 -19.77 14.85
CA SER A 313 11.25 -20.40 13.68
C SER A 313 12.58 -21.07 14.05
N ASP A 314 12.79 -22.26 13.49
CA ASP A 314 13.98 -23.05 13.79
C ASP A 314 15.20 -22.61 12.99
N LEU A 315 15.05 -21.73 12.01
CA LEU A 315 16.21 -21.19 11.31
C LEU A 315 17.06 -20.34 12.26
N VAL A 316 16.42 -19.48 13.04
CA VAL A 316 17.16 -18.68 14.00
C VAL A 316 17.32 -19.42 15.32
N MET A 317 16.36 -20.25 15.69
CA MET A 317 16.45 -21.00 16.93
C MET A 317 17.69 -21.88 16.95
N GLY A 318 17.98 -22.53 15.83
CA GLY A 318 19.14 -23.39 15.69
C GLY A 318 20.40 -22.70 15.24
N LEU A 319 20.41 -21.37 15.18
CA LEU A 319 21.61 -20.65 14.76
C LEU A 319 22.69 -20.80 15.82
N PRO A 320 23.86 -21.34 15.47
CA PRO A 320 24.91 -21.54 16.48
C PRO A 320 25.45 -20.22 16.99
N GLY A 321 25.68 -20.16 18.30
CA GLY A 321 26.17 -18.96 18.94
C GLY A 321 25.12 -17.92 19.25
N MET A 322 23.85 -18.19 18.96
CA MET A 322 22.79 -17.22 19.20
C MET A 322 22.58 -16.97 20.70
N ALA A 323 22.99 -17.92 21.55
CA ALA A 323 22.74 -17.81 22.99
C ALA A 323 23.45 -16.63 23.63
N GLN A 324 24.42 -16.03 22.97
CA GLN A 324 25.19 -14.94 23.54
C GLN A 324 24.67 -13.57 23.13
N MET A 325 23.36 -13.45 22.90
CA MET A 325 22.77 -12.18 22.45
C MET A 325 21.50 -11.85 23.22
N GLY A 326 21.45 -12.17 24.50
CA GLY A 326 20.37 -11.71 25.35
C GLY A 326 19.12 -12.55 25.24
N THR A 327 18.16 -12.23 26.10
CA THR A 327 16.90 -12.95 26.14
C THR A 327 15.98 -12.46 25.03
N VAL A 328 15.29 -13.40 24.39
CA VAL A 328 14.36 -13.09 23.31
C VAL A 328 12.96 -13.17 23.89
N LEU A 329 12.28 -12.04 23.96
CA LEU A 329 10.94 -11.93 24.53
C LEU A 329 9.97 -11.65 23.40
N GLY A 330 9.18 -12.67 23.03
CA GLY A 330 8.25 -12.51 21.94
C GLY A 330 6.84 -12.93 22.35
N PHE A 331 5.88 -12.50 21.53
CA PHE A 331 4.48 -12.83 21.73
C PHE A 331 4.06 -13.87 20.70
N LEU A 332 3.46 -14.95 21.17
CA LEU A 332 3.03 -16.05 20.33
C LEU A 332 1.52 -16.24 20.43
N GLN A 333 0.89 -16.61 19.32
CA GLN A 333 -0.55 -16.79 19.30
C GLN A 333 -0.96 -17.96 20.18
N ARG A 334 -2.12 -17.83 20.83
CA ARG A 334 -2.67 -18.85 21.70
C ARG A 334 -3.97 -19.36 21.08
N GLY A 335 -3.85 -20.34 20.20
CA GLY A 335 -5.00 -20.88 19.51
C GLY A 335 -5.00 -22.40 19.54
N ALA A 336 -6.19 -22.95 19.35
CA ALA A 336 -6.38 -24.40 19.38
C ALA A 336 -5.91 -25.00 18.05
N GLN A 337 -6.18 -26.28 17.85
CA GLN A 337 -5.78 -26.95 16.62
C GLN A 337 -6.75 -28.08 16.32
N LEU A 338 -6.89 -28.40 15.04
CA LEU A 338 -7.77 -29.47 14.58
C LEU A 338 -7.15 -30.80 14.99
N HIS A 339 -7.66 -31.40 16.06
CA HIS A 339 -7.07 -32.64 16.55
C HIS A 339 -7.21 -33.77 15.54
N GLU A 340 -8.35 -33.86 14.87
CA GLU A 340 -8.62 -34.97 13.96
C GLU A 340 -8.19 -34.68 12.53
N PHE A 341 -7.59 -33.53 12.26
CA PHE A 341 -7.19 -33.23 10.89
C PHE A 341 -6.15 -34.20 10.33
N PRO A 342 -5.09 -34.59 11.04
CA PRO A 342 -4.17 -35.59 10.47
C PRO A 342 -4.86 -36.89 10.13
N GLN A 343 -5.79 -37.34 10.98
CA GLN A 343 -6.54 -38.56 10.66
C GLN A 343 -7.35 -38.37 9.39
N TYR A 344 -8.00 -37.22 9.24
CA TYR A 344 -8.76 -36.94 8.03
C TYR A 344 -7.87 -36.95 6.80
N VAL A 345 -6.70 -36.32 6.89
CA VAL A 345 -5.81 -36.26 5.74
C VAL A 345 -5.35 -37.65 5.35
N LYS A 346 -4.93 -38.45 6.33
CA LYS A 346 -4.40 -39.77 6.01
C LYS A 346 -5.50 -40.66 5.44
N THR A 347 -6.71 -40.64 6.02
CA THR A 347 -7.76 -41.49 5.50
C THR A 347 -8.22 -41.03 4.13
N HIS A 348 -8.26 -39.72 3.89
CA HIS A 348 -8.68 -39.21 2.59
C HIS A 348 -7.65 -39.53 1.52
N LEU A 349 -6.36 -39.42 1.85
CA LEU A 349 -5.33 -39.74 0.87
C LEU A 349 -5.28 -41.24 0.60
N ALA A 350 -5.55 -42.06 1.62
CA ALA A 350 -5.63 -43.50 1.38
C ALA A 350 -6.82 -43.86 0.52
N LEU A 351 -7.96 -43.20 0.74
CA LEU A 351 -9.17 -43.51 -0.03
C LEU A 351 -9.11 -42.98 -1.46
N ALA A 352 -8.42 -41.85 -1.68
CA ALA A 352 -8.37 -41.28 -3.02
C ALA A 352 -7.59 -42.16 -3.99
N THR A 353 -6.75 -43.08 -3.49
CA THR A 353 -6.02 -43.97 -4.37
C THR A 353 -6.88 -45.11 -4.90
N ASP A 354 -8.04 -45.35 -4.30
CA ASP A 354 -8.92 -46.41 -4.77
C ASP A 354 -9.53 -46.03 -6.10
N PRO A 355 -9.33 -46.81 -7.16
CA PRO A 355 -9.93 -46.46 -8.46
C PRO A 355 -11.44 -46.41 -8.45
N ALA A 356 -12.10 -47.23 -7.62
CA ALA A 356 -13.55 -47.23 -7.57
C ALA A 356 -14.09 -45.88 -7.12
N PHE A 357 -13.47 -45.28 -6.10
CA PHE A 357 -13.91 -43.98 -5.63
C PHE A 357 -13.73 -42.91 -6.70
N CYS A 358 -12.59 -42.92 -7.39
CA CYS A 358 -12.34 -41.94 -8.43
C CYS A 358 -13.33 -42.11 -9.58
N SER A 359 -13.65 -43.35 -9.94
CA SER A 359 -14.67 -43.59 -10.96
C SER A 359 -16.02 -43.07 -10.49
N ALA A 360 -16.35 -43.28 -9.23
CA ALA A 360 -17.63 -42.79 -8.69
C ALA A 360 -17.71 -41.27 -8.76
N LEU A 361 -16.61 -40.59 -8.43
CA LEU A 361 -16.59 -39.13 -8.46
C LEU A 361 -16.64 -38.62 -9.89
N GLN A 375 -6.40 -28.62 -15.53
CA GLN A 375 -7.02 -28.80 -14.22
C GLN A 375 -6.54 -27.73 -13.25
N ARG A 376 -7.21 -27.65 -12.09
CA ARG A 376 -6.87 -26.64 -11.10
C ARG A 376 -5.45 -26.84 -10.56
N CYS A 377 -5.09 -28.09 -10.25
CA CYS A 377 -3.78 -28.42 -9.70
C CYS A 377 -3.33 -29.75 -10.28
N PRO A 378 -2.83 -29.75 -11.52
CA PRO A 378 -2.34 -31.00 -12.10
C PRO A 378 -1.21 -31.62 -11.31
N GLN A 379 -0.36 -30.81 -10.68
CA GLN A 379 0.72 -31.36 -9.86
C GLN A 379 0.20 -32.04 -8.61
N CYS A 380 -1.02 -31.73 -8.17
CA CYS A 380 -1.58 -32.33 -6.97
C CYS A 380 -1.90 -33.81 -7.15
N ASP A 381 -1.87 -34.32 -8.38
CA ASP A 381 -2.22 -35.70 -8.62
C ASP A 381 -1.08 -36.65 -8.24
N CYS A 382 0.13 -36.36 -8.70
CA CYS A 382 1.27 -37.24 -8.47
C CYS A 382 1.95 -36.87 -7.16
N ILE A 383 1.27 -37.18 -6.05
CA ILE A 383 1.82 -36.90 -4.72
C ILE A 383 1.67 -38.15 -3.87
N THR A 384 2.33 -38.16 -2.73
CA THR A 384 2.20 -39.21 -1.72
C THR A 384 2.02 -38.59 -0.35
N LEU A 385 1.68 -39.44 0.62
CA LEU A 385 1.41 -38.97 1.98
C LEU A 385 2.67 -38.35 2.60
N GLN A 386 3.86 -38.81 2.20
CA GLN A 386 5.08 -38.26 2.76
C GLN A 386 5.35 -36.84 2.27
N ASN A 387 4.74 -36.43 1.16
CA ASN A 387 4.94 -35.08 0.65
C ASN A 387 4.12 -34.04 1.40
N VAL A 388 3.17 -34.45 2.24
CA VAL A 388 2.40 -33.53 3.05
C VAL A 388 2.42 -33.88 4.53
N SER A 389 3.09 -34.97 4.92
CA SER A 389 3.11 -35.37 6.32
C SER A 389 3.78 -34.34 7.22
N ALA A 390 4.66 -33.50 6.68
CA ALA A 390 5.41 -32.57 7.51
C ALA A 390 4.50 -31.50 8.12
N GLY A 391 3.61 -30.93 7.32
CA GLY A 391 2.82 -29.80 7.76
C GLY A 391 1.48 -30.17 8.35
N LEU A 392 1.35 -31.43 8.80
CA LEU A 392 0.07 -31.89 9.32
C LEU A 392 -0.34 -31.12 10.56
N ASN A 393 0.61 -30.85 11.47
CA ASN A 393 0.32 -30.08 12.68
C ASN A 393 0.61 -28.60 12.42
N HIS A 394 -0.16 -28.04 11.50
CA HIS A 394 -0.04 -26.64 11.11
C HIS A 394 -1.13 -25.82 11.78
N HIS A 395 -0.77 -24.61 12.22
CA HIS A 395 -1.75 -23.77 12.91
C HIS A 395 -2.82 -23.27 11.95
N GLN A 396 -2.44 -22.92 10.72
CA GLN A 396 -3.36 -22.27 9.79
C GLN A 396 -4.51 -23.19 9.38
N THR A 397 -4.39 -24.50 9.60
CA THR A 397 -5.51 -25.38 9.29
C THR A 397 -6.72 -25.03 10.14
N PHE A 398 -6.50 -24.73 11.43
CA PHE A 398 -7.61 -24.29 12.26
C PHE A 398 -8.15 -22.95 11.80
N SER A 399 -7.27 -22.06 11.32
CA SER A 399 -7.75 -20.77 10.84
C SER A 399 -8.69 -20.95 9.66
N VAL A 400 -8.32 -21.82 8.72
CA VAL A 400 -9.19 -22.08 7.57
C VAL A 400 -10.49 -22.73 8.02
N TYR A 401 -10.40 -23.70 8.94
CA TYR A 401 -11.59 -24.38 9.42
C TYR A 401 -12.55 -23.40 10.08
N ALA A 402 -12.02 -22.49 10.91
CA ALA A 402 -12.85 -21.50 11.56
C ALA A 402 -13.42 -20.49 10.58
N ALA A 403 -12.66 -20.13 9.54
CA ALA A 403 -13.20 -19.22 8.53
C ALA A 403 -14.39 -19.84 7.81
N VAL A 404 -14.27 -21.11 7.42
CA VAL A 404 -15.39 -21.79 6.77
C VAL A 404 -16.57 -21.88 7.70
N TYR A 405 -16.32 -22.20 8.98
CA TYR A 405 -17.42 -22.27 9.94
C TYR A 405 -18.08 -20.91 10.12
N SER A 406 -17.30 -19.84 10.10
CA SER A 406 -17.86 -18.50 10.26
C SER A 406 -18.75 -18.14 9.09
N VAL A 407 -18.31 -18.44 7.86
CA VAL A 407 -19.15 -18.13 6.71
C VAL A 407 -20.43 -18.96 6.75
N ALA A 408 -20.31 -20.24 7.16
CA ALA A 408 -21.49 -21.08 7.26
C ALA A 408 -22.47 -20.54 8.30
N GLN A 409 -21.95 -20.08 9.44
CA GLN A 409 -22.81 -19.54 10.48
C GLN A 409 -23.48 -18.25 10.03
N ALA A 410 -22.74 -17.40 9.31
CA ALA A 410 -23.33 -16.18 8.77
C ALA A 410 -24.44 -16.50 7.78
N LEU A 411 -24.23 -17.51 6.92
CA LEU A 411 -25.27 -17.92 5.99
C LEU A 411 -26.49 -18.49 6.73
N HIS A 412 -26.25 -19.27 7.79
CA HIS A 412 -27.35 -19.80 8.58
C HIS A 412 -28.16 -18.68 9.23
N ASN A 413 -27.47 -17.65 9.74
CA ASN A 413 -28.16 -16.53 10.35
C ASN A 413 -28.92 -15.71 9.31
N THR A 414 -28.33 -15.50 8.14
CA THR A 414 -28.96 -14.67 7.12
C THR A 414 -30.30 -15.25 6.67
N LEU A 415 -30.34 -16.57 6.44
CA LEU A 415 -31.59 -17.21 6.08
C LEU A 415 -32.54 -17.36 7.26
N GLN A 416 -32.09 -17.04 8.48
CA GLN A 416 -32.91 -17.14 9.69
C GLN A 416 -33.40 -18.57 9.91
N CYS A 417 -32.59 -19.54 9.52
CA CYS A 417 -32.96 -20.94 9.70
C CYS A 417 -33.01 -21.30 11.17
N ASN A 418 -33.86 -22.26 11.50
CA ASN A 418 -33.93 -22.82 12.84
C ASN A 418 -33.50 -24.28 12.78
N ALA A 419 -33.57 -24.96 13.93
CA ALA A 419 -33.00 -26.30 14.05
C ALA A 419 -33.68 -27.28 13.11
N SER A 420 -35.01 -27.22 13.00
CA SER A 420 -35.74 -28.18 12.18
C SER A 420 -35.38 -28.06 10.71
N GLY A 421 -35.29 -26.85 10.20
CA GLY A 421 -35.03 -26.66 8.78
C GLY A 421 -34.85 -25.22 8.42
N CYS A 422 -34.92 -24.94 7.12
CA CYS A 422 -34.69 -23.62 6.58
C CYS A 422 -35.93 -23.12 5.84
N PRO A 423 -36.38 -21.89 6.08
CA PRO A 423 -37.51 -21.36 5.32
C PRO A 423 -37.14 -21.17 3.85
N ALA A 424 -38.13 -21.34 2.99
CA ALA A 424 -37.93 -21.28 1.55
C ALA A 424 -38.05 -19.83 1.07
N GLN A 425 -37.09 -19.39 0.27
CA GLN A 425 -37.07 -18.04 -0.26
C GLN A 425 -36.10 -17.98 -1.44
N ASP A 426 -35.96 -16.80 -2.02
CA ASP A 426 -35.01 -16.59 -3.09
C ASP A 426 -33.58 -16.66 -2.55
N PRO A 427 -32.60 -16.98 -3.39
CA PRO A 427 -31.21 -17.05 -2.92
C PRO A 427 -30.75 -15.73 -2.34
N VAL A 428 -29.98 -15.81 -1.27
CA VAL A 428 -29.47 -14.61 -0.61
C VAL A 428 -28.23 -14.12 -1.35
N LYS A 429 -28.18 -12.82 -1.59
CA LYS A 429 -27.06 -12.24 -2.31
C LYS A 429 -25.85 -12.15 -1.40
N PRO A 430 -24.64 -12.15 -1.97
CA PRO A 430 -23.43 -12.09 -1.13
C PRO A 430 -23.37 -10.85 -0.24
N TRP A 431 -23.82 -9.70 -0.72
CA TRP A 431 -23.74 -8.50 0.10
C TRP A 431 -24.71 -8.53 1.27
N GLN A 432 -25.74 -9.38 1.22
CA GLN A 432 -26.65 -9.50 2.35
C GLN A 432 -25.99 -10.21 3.54
N LEU A 433 -24.88 -10.89 3.32
CA LEU A 433 -24.18 -11.53 4.44
C LEU A 433 -23.49 -10.50 5.32
N LEU A 434 -23.08 -9.36 4.75
CA LEU A 434 -22.23 -8.43 5.47
C LEU A 434 -22.92 -7.87 6.71
N GLU A 435 -24.24 -7.73 6.68
CA GLU A 435 -24.94 -7.24 7.86
C GLU A 435 -24.77 -8.20 9.03
N ASN A 436 -24.86 -9.50 8.76
CA ASN A 436 -24.77 -10.52 9.80
C ASN A 436 -23.37 -11.09 9.95
N MET A 437 -22.39 -10.56 9.23
CA MET A 437 -21.01 -10.98 9.41
C MET A 437 -20.27 -10.12 10.42
N TYR A 438 -20.44 -8.81 10.36
CA TYR A 438 -20.00 -7.96 11.45
C TYR A 438 -20.79 -8.31 12.70
N ASN A 439 -20.11 -8.23 13.86
CA ASN A 439 -20.77 -8.48 15.14
C ASN A 439 -21.37 -9.88 15.20
N LEU A 440 -20.67 -10.85 14.63
CA LEU A 440 -21.13 -12.23 14.55
C LEU A 440 -20.37 -13.10 15.53
N THR A 441 -21.09 -13.93 16.28
CA THR A 441 -20.49 -14.91 17.17
C THR A 441 -20.75 -16.31 16.63
N PHE A 442 -19.67 -17.04 16.35
CA PHE A 442 -19.78 -18.39 15.82
C PHE A 442 -18.91 -19.34 16.64
N HIS A 443 -19.43 -20.52 16.92
CA HIS A 443 -18.73 -21.51 17.71
C HIS A 443 -17.92 -22.40 16.78
N VAL A 444 -16.61 -22.48 17.02
CA VAL A 444 -15.72 -23.31 16.23
C VAL A 444 -15.08 -24.32 17.18
N GLY A 445 -15.40 -25.60 17.00
CA GLY A 445 -14.86 -26.63 17.87
C GLY A 445 -15.23 -26.46 19.32
N GLY A 446 -16.34 -25.79 19.61
CA GLY A 446 -16.76 -25.53 20.96
C GLY A 446 -16.20 -24.27 21.58
N LEU A 447 -15.33 -23.55 20.88
CA LEU A 447 -14.74 -22.32 21.39
C LEU A 447 -15.35 -21.12 20.69
N PRO A 448 -16.02 -20.23 21.38
CA PRO A 448 -16.66 -19.09 20.72
C PRO A 448 -15.65 -18.14 20.10
N LEU A 449 -16.04 -17.55 18.99
CA LEU A 449 -15.25 -16.52 18.32
C LEU A 449 -16.18 -15.42 17.87
N ARG A 450 -15.66 -14.20 17.78
CA ARG A 450 -16.45 -13.05 17.39
C ARG A 450 -15.68 -12.21 16.37
N PHE A 451 -16.40 -11.63 15.43
CA PHE A 451 -15.82 -10.72 14.45
C PHE A 451 -16.00 -9.29 14.93
N ASP A 452 -14.90 -8.54 14.98
CA ASP A 452 -14.95 -7.16 15.43
C ASP A 452 -15.74 -6.30 14.45
N SER A 453 -16.12 -5.11 14.91
CA SER A 453 -16.77 -4.17 14.02
C SER A 453 -15.84 -3.75 12.89
N SER A 454 -14.53 -3.84 13.10
CA SER A 454 -13.55 -3.60 12.05
C SER A 454 -13.16 -4.87 11.31
N GLY A 455 -13.74 -6.01 11.68
CA GLY A 455 -13.59 -7.22 10.89
C GLY A 455 -12.42 -8.11 11.21
N ASN A 456 -11.90 -8.07 12.43
CA ASN A 456 -10.81 -8.95 12.83
C ASN A 456 -11.25 -9.77 14.04
N VAL A 457 -10.89 -11.05 14.04
CA VAL A 457 -11.19 -11.87 15.19
C VAL A 457 -10.31 -11.44 16.35
N ASP A 458 -10.78 -11.71 17.57
CA ASP A 458 -10.06 -11.36 18.78
C ASP A 458 -9.66 -12.65 19.50
N MET A 459 -8.38 -12.78 19.80
CA MET A 459 -7.89 -13.95 20.50
C MET A 459 -6.69 -13.58 21.35
N GLU A 460 -6.46 -14.37 22.40
CA GLU A 460 -5.42 -14.09 23.36
C GLU A 460 -4.04 -14.37 22.77
N TYR A 461 -3.02 -13.99 23.52
CA TYR A 461 -1.64 -14.20 23.14
C TYR A 461 -0.89 -14.75 24.34
N ASP A 462 0.22 -15.42 24.08
CA ASP A 462 1.07 -15.97 25.12
C ASP A 462 2.44 -15.33 25.02
N LEU A 463 2.91 -14.74 26.12
CA LEU A 463 4.23 -14.13 26.14
C LEU A 463 5.27 -15.19 26.46
N LYS A 464 6.19 -15.43 25.53
CA LYS A 464 7.18 -16.48 25.67
C LYS A 464 8.58 -15.90 25.61
N LEU A 465 9.52 -16.60 26.23
CA LEU A 465 10.93 -16.24 26.16
C LEU A 465 11.76 -17.49 25.91
N TRP A 466 12.93 -17.29 25.33
CA TRP A 466 13.82 -18.38 24.99
C TRP A 466 14.64 -18.76 26.23
N VAL A 467 14.43 -19.95 26.75
CA VAL A 467 15.18 -20.46 27.89
C VAL A 467 16.24 -21.41 27.35
N TRP A 468 17.51 -21.06 27.55
CA TRP A 468 18.62 -21.81 26.98
C TRP A 468 19.00 -22.97 27.88
N GLN A 469 19.14 -24.15 27.28
CA GLN A 469 19.53 -25.34 28.02
C GLN A 469 20.16 -26.31 27.03
N GLY A 470 21.47 -26.51 27.14
CA GLY A 470 22.17 -27.41 26.24
C GLY A 470 22.14 -26.95 24.79
N SER A 471 22.26 -25.65 24.56
CA SER A 471 22.27 -25.05 23.23
C SER A 471 21.00 -25.37 22.44
N VAL A 472 19.94 -25.81 23.12
CA VAL A 472 18.65 -26.06 22.48
C VAL A 472 17.61 -25.21 23.19
N PRO A 473 17.36 -23.99 22.74
CA PRO A 473 16.40 -23.13 23.44
C PRO A 473 14.99 -23.67 23.33
N ARG A 474 14.20 -23.41 24.38
CA ARG A 474 12.81 -23.81 24.42
C ARG A 474 11.98 -22.66 24.97
N LEU A 475 10.71 -22.64 24.58
CA LEU A 475 9.82 -21.58 25.01
C LEU A 475 9.28 -21.85 26.41
N HIS A 476 8.90 -20.77 27.10
CA HIS A 476 8.33 -20.88 28.43
C HIS A 476 7.28 -19.78 28.60
N ASP A 477 6.24 -20.08 29.37
CA ASP A 477 5.18 -19.10 29.64
C ASP A 477 5.65 -18.15 30.73
N VAL A 478 5.65 -16.84 30.43
CA VAL A 478 5.95 -15.82 31.42
C VAL A 478 4.93 -14.70 31.40
N GLY A 479 3.90 -14.80 30.57
CA GLY A 479 2.90 -13.76 30.50
C GLY A 479 1.78 -14.18 29.57
N ARG A 480 0.69 -13.43 29.63
CA ARG A 480 -0.50 -13.72 28.85
C ARG A 480 -1.20 -12.41 28.53
N PHE A 481 -1.30 -12.09 27.24
CA PHE A 481 -1.93 -10.86 26.79
C PHE A 481 -3.34 -11.16 26.30
N ASN A 482 -4.32 -10.46 26.86
CA ASN A 482 -5.72 -10.64 26.48
C ASN A 482 -6.41 -9.29 26.37
N GLY A 483 -5.67 -8.29 25.90
CA GLY A 483 -6.11 -6.91 25.93
C GLY A 483 -5.53 -6.11 27.07
N SER A 484 -5.04 -6.78 28.12
CA SER A 484 -4.36 -6.13 29.23
C SER A 484 -3.28 -7.08 29.71
N LEU A 485 -2.01 -6.73 29.46
CA LEU A 485 -0.92 -7.65 29.69
C LEU A 485 -0.74 -7.95 31.18
N ARG A 486 -0.52 -9.23 31.48
CA ARG A 486 -0.15 -9.68 32.82
C ARG A 486 1.11 -10.52 32.72
N THR A 487 2.13 -10.16 33.50
CA THR A 487 3.42 -10.83 33.42
C THR A 487 3.82 -11.32 34.80
N GLU A 488 4.70 -12.33 34.81
CA GLU A 488 5.26 -12.88 36.04
C GLU A 488 6.77 -12.73 35.93
N ARG A 489 7.28 -11.57 36.33
CA ARG A 489 8.70 -11.27 36.18
C ARG A 489 9.58 -11.94 37.22
N LEU A 490 8.98 -12.63 38.19
CA LEU A 490 9.76 -13.33 39.21
C LEU A 490 10.30 -14.67 38.73
N LYS A 491 9.94 -15.10 37.51
CA LYS A 491 10.43 -16.35 36.96
C LYS A 491 11.17 -16.16 35.64
N ILE A 492 11.46 -14.91 35.26
CA ILE A 492 12.14 -14.64 34.00
C ILE A 492 13.64 -14.66 34.26
N ARG A 493 14.36 -15.48 33.49
CA ARG A 493 15.81 -15.55 33.59
C ARG A 493 16.41 -14.58 32.57
N TRP A 494 17.08 -13.54 33.07
CA TRP A 494 17.65 -12.53 32.20
C TRP A 494 19.05 -12.93 31.76
N HIS A 495 19.62 -12.13 30.87
CA HIS A 495 20.90 -12.45 30.26
C HIS A 495 22.09 -11.75 30.91
N THR A 496 21.85 -10.83 31.84
CA THR A 496 22.94 -10.05 32.40
C THR A 496 23.78 -10.91 33.35
N SER A 497 24.76 -10.27 33.99
CA SER A 497 25.68 -11.00 34.86
C SER A 497 24.94 -11.71 35.98
N ASP A 498 24.01 -11.02 36.63
CA ASP A 498 23.09 -11.63 37.58
C ASP A 498 21.67 -11.51 37.03
N ASN A 499 20.71 -12.05 37.77
CA ASN A 499 19.32 -12.07 37.33
C ASN A 499 18.64 -10.75 37.67
N GLN A 500 19.11 -9.70 37.01
CA GLN A 500 18.58 -8.36 37.19
C GLN A 500 18.06 -7.82 35.86
N LYS A 501 16.96 -7.09 35.91
CA LYS A 501 16.31 -6.61 34.71
C LYS A 501 17.18 -5.57 34.01
N PRO A 502 17.45 -5.71 32.72
CA PRO A 502 18.19 -4.67 32.01
C PRO A 502 17.45 -3.35 32.04
N VAL A 503 18.20 -2.26 32.20
CA VAL A 503 17.63 -0.93 32.31
C VAL A 503 17.92 -0.18 31.01
N SER A 504 16.86 0.28 30.36
CA SER A 504 16.95 1.11 29.16
C SER A 504 15.93 2.23 29.33
N ARG A 505 16.35 3.30 29.99
CA ARG A 505 15.43 4.36 30.38
C ARG A 505 16.01 5.72 30.01
N CYS A 506 15.16 6.60 29.50
CA CYS A 506 15.50 7.97 29.16
C CYS A 506 14.69 8.91 30.03
N SER A 507 15.29 10.06 30.35
CA SER A 507 14.66 11.04 31.24
C SER A 507 13.86 12.02 30.41
N ARG A 508 12.55 12.06 30.63
CA ARG A 508 11.68 12.98 29.91
C ARG A 508 11.69 14.38 30.50
N GLN A 509 12.23 14.56 31.69
CA GLN A 509 12.36 15.87 32.32
C GLN A 509 13.70 15.94 33.05
N CYS A 510 14.27 17.14 33.11
CA CYS A 510 15.54 17.34 33.77
C CYS A 510 15.35 17.85 35.19
N VAL A 515 20.12 23.04 30.03
CA VAL A 515 20.81 21.84 30.47
C VAL A 515 20.34 20.65 29.65
N ARG A 516 19.10 20.71 29.18
CA ARG A 516 18.52 19.62 28.40
C ARG A 516 19.00 19.66 26.96
N ARG A 517 19.16 18.47 26.38
CA ARG A 517 19.49 18.31 24.96
C ARG A 517 18.60 17.21 24.42
N VAL A 518 17.67 17.58 23.52
CA VAL A 518 16.67 16.62 23.06
C VAL A 518 17.34 15.48 22.32
N LYS A 519 16.91 14.26 22.61
CA LYS A 519 17.42 13.07 21.96
C LYS A 519 16.26 12.15 21.61
N GLY A 520 16.45 11.31 20.60
CA GLY A 520 15.42 10.42 20.15
C GLY A 520 15.03 10.66 18.70
N PHE A 521 14.40 9.66 18.07
CA PHE A 521 14.00 9.82 16.67
C PHE A 521 12.80 10.76 16.55
N HIS A 522 11.88 10.72 17.51
CA HIS A 522 10.71 11.57 17.52
C HIS A 522 10.83 12.73 18.50
N SER A 523 12.03 12.96 19.04
CA SER A 523 12.30 14.07 19.95
C SER A 523 11.41 14.00 21.20
N CYS A 524 11.63 12.96 22.00
CA CYS A 524 10.89 12.75 23.23
C CYS A 524 11.71 13.02 24.47
N CYS A 525 12.89 12.39 24.56
CA CYS A 525 13.67 12.35 25.77
C CYS A 525 14.52 13.60 25.92
N TYR A 526 15.37 13.60 26.93
CA TYR A 526 16.28 14.71 27.17
C TYR A 526 17.57 14.18 27.78
N ASP A 527 18.69 14.55 27.20
CA ASP A 527 20.01 14.15 27.70
C ASP A 527 20.44 15.12 28.80
N CYS A 528 19.76 15.00 29.94
CA CYS A 528 20.04 15.88 31.07
C CYS A 528 21.46 15.70 31.59
N SER B 34 -21.12 14.91 -23.95
CA SER B 34 -20.48 15.88 -23.07
C SER B 34 -18.99 15.95 -23.34
N ASP B 35 -18.22 16.40 -22.34
CA ASP B 35 -16.77 16.44 -22.43
C ASP B 35 -16.10 15.22 -21.83
N PHE B 36 -16.88 14.23 -21.40
CA PHE B 36 -16.34 12.97 -20.90
C PHE B 36 -16.33 11.88 -21.95
N TYR B 37 -16.69 12.19 -23.20
CA TYR B 37 -16.86 11.15 -24.22
C TYR B 37 -16.70 11.79 -25.58
N LEU B 38 -15.82 11.21 -26.40
CA LEU B 38 -15.68 11.61 -27.79
C LEU B 38 -15.48 10.38 -28.65
N PRO B 39 -16.49 9.95 -29.40
CA PRO B 39 -16.37 8.72 -30.17
C PRO B 39 -15.32 8.84 -31.27
N GLY B 40 -14.70 7.72 -31.60
CA GLY B 40 -13.68 7.68 -32.61
C GLY B 40 -13.33 6.25 -32.95
N ASP B 41 -12.39 6.10 -33.89
CA ASP B 41 -11.97 4.76 -34.31
C ASP B 41 -11.35 3.99 -33.16
N TYR B 42 -10.47 4.62 -32.40
CA TYR B 42 -9.81 3.99 -31.27
C TYR B 42 -10.03 4.83 -30.03
N LEU B 43 -10.44 4.19 -28.95
CA LEU B 43 -10.72 4.90 -27.72
C LEU B 43 -9.45 5.06 -26.89
N LEU B 44 -9.55 5.88 -25.84
CA LEU B 44 -8.40 6.20 -25.01
C LEU B 44 -8.92 6.50 -23.60
N GLY B 45 -8.88 5.50 -22.72
CA GLY B 45 -9.40 5.69 -21.38
C GLY B 45 -8.63 6.77 -20.63
N GLY B 46 -9.35 7.52 -19.82
CA GLY B 46 -8.71 8.55 -19.01
C GLY B 46 -9.22 8.58 -17.59
N LEU B 47 -8.33 8.39 -16.62
CA LEU B 47 -8.68 8.39 -15.21
C LEU B 47 -8.15 9.67 -14.59
N PHE B 48 -9.03 10.47 -14.00
CA PHE B 48 -8.66 11.73 -13.41
C PHE B 48 -9.38 11.90 -12.08
N SER B 49 -8.72 12.60 -11.15
CA SER B 49 -9.27 12.83 -9.82
C SER B 49 -10.07 14.13 -9.85
N LEU B 50 -11.35 14.02 -10.17
CA LEU B 50 -12.20 15.20 -10.22
C LEU B 50 -12.70 15.64 -8.85
N HIS B 51 -12.59 14.78 -7.83
CA HIS B 51 -13.09 15.11 -6.51
C HIS B 51 -12.19 14.46 -5.47
N ALA B 52 -12.22 15.01 -4.26
CA ALA B 52 -11.45 14.48 -3.15
C ALA B 52 -12.30 14.55 -1.89
N ASN B 53 -11.90 13.75 -0.91
CA ASN B 53 -12.65 13.64 0.35
C ASN B 53 -12.27 14.80 1.25
N MET B 54 -12.90 15.95 0.99
CA MET B 54 -12.73 17.14 1.82
C MET B 54 -13.86 17.32 2.82
N LYS B 55 -14.71 16.31 3.01
CA LYS B 55 -15.78 16.30 4.00
C LYS B 55 -16.68 17.53 3.88
N ASN B 61 -21.87 4.00 6.57
CA ASN B 61 -22.66 2.88 6.07
C ASN B 61 -22.09 2.36 4.76
N PHE B 62 -21.78 1.06 4.72
CA PHE B 62 -21.16 0.46 3.54
C PHE B 62 -22.17 -0.09 2.54
N LEU B 63 -23.45 -0.16 2.90
CA LEU B 63 -24.45 -0.66 1.96
C LEU B 63 -24.61 0.27 0.77
N GLN B 64 -24.72 1.56 1.02
CA GLN B 64 -24.78 2.54 -0.07
C GLN B 64 -23.37 3.01 -0.39
N VAL B 65 -23.12 3.24 -1.67
CA VAL B 65 -21.81 3.71 -2.14
C VAL B 65 -21.95 5.18 -2.54
N PRO B 66 -21.27 6.10 -1.85
CA PRO B 66 -21.35 7.52 -2.25
C PRO B 66 -20.59 7.76 -3.54
N MET B 67 -21.27 8.29 -4.54
CA MET B 67 -20.63 8.60 -5.81
C MET B 67 -19.66 9.76 -5.65
N CYS B 68 -18.65 9.80 -6.52
CA CYS B 68 -17.65 10.85 -6.43
C CYS B 68 -18.20 12.23 -6.74
N LYS B 69 -19.39 12.32 -7.32
CA LYS B 69 -19.96 13.63 -7.63
C LYS B 69 -20.33 14.42 -6.37
N GLU B 70 -20.51 13.76 -5.24
CA GLU B 70 -20.94 14.42 -4.02
C GLU B 70 -19.80 15.03 -3.23
N TYR B 71 -18.55 14.64 -3.51
CA TYR B 71 -17.42 15.23 -2.81
C TYR B 71 -17.17 16.66 -3.33
N GLU B 72 -16.27 17.35 -2.64
CA GLU B 72 -15.88 18.68 -3.09
C GLU B 72 -15.06 18.60 -4.35
N VAL B 73 -15.19 19.62 -5.20
CA VAL B 73 -14.60 19.62 -6.52
C VAL B 73 -13.12 19.96 -6.43
N LYS B 74 -12.29 19.18 -7.11
CA LYS B 74 -10.87 19.44 -7.23
C LYS B 74 -10.62 20.08 -8.59
N VAL B 75 -10.02 21.27 -8.60
CA VAL B 75 -9.77 21.96 -9.86
C VAL B 75 -8.63 21.31 -10.63
N ILE B 76 -7.65 20.73 -9.93
CA ILE B 76 -6.49 20.16 -10.59
C ILE B 76 -6.90 19.01 -11.51
N GLY B 77 -7.80 18.16 -11.05
CA GLY B 77 -8.24 17.05 -11.88
C GLY B 77 -8.93 17.51 -13.15
N TYR B 78 -9.79 18.52 -13.03
CA TYR B 78 -10.46 19.04 -14.22
C TYR B 78 -9.45 19.68 -15.17
N ASN B 79 -8.45 20.37 -14.63
CA ASN B 79 -7.43 20.95 -15.48
C ASN B 79 -6.67 19.86 -16.24
N LEU B 80 -6.34 18.77 -15.56
CA LEU B 80 -5.63 17.68 -16.23
C LEU B 80 -6.49 17.01 -17.30
N MET B 81 -7.78 16.84 -17.01
CA MET B 81 -8.68 16.28 -18.03
C MET B 81 -8.77 17.22 -19.23
N GLN B 82 -8.83 18.53 -18.98
CA GLN B 82 -8.84 19.47 -20.08
C GLN B 82 -7.55 19.39 -20.88
N ALA B 83 -6.43 19.13 -20.20
CA ALA B 83 -5.17 18.94 -20.91
C ALA B 83 -5.23 17.74 -21.83
N MET B 84 -5.77 16.62 -21.33
CA MET B 84 -5.88 15.43 -22.16
C MET B 84 -6.80 15.67 -23.35
N ARG B 85 -7.92 16.33 -23.11
CA ARG B 85 -8.85 16.61 -24.20
C ARG B 85 -8.24 17.55 -25.23
N PHE B 86 -7.47 18.55 -24.78
CA PHE B 86 -6.78 19.43 -25.70
C PHE B 86 -5.76 18.66 -26.53
N ALA B 87 -5.03 17.74 -25.90
CA ALA B 87 -4.07 16.94 -26.63
C ALA B 87 -4.76 16.12 -27.70
N VAL B 88 -5.90 15.50 -27.36
CA VAL B 88 -6.61 14.68 -28.33
C VAL B 88 -7.16 15.53 -29.47
N GLU B 89 -7.71 16.71 -29.16
CA GLU B 89 -8.23 17.58 -30.21
C GLU B 89 -7.13 18.08 -31.12
N GLU B 90 -5.98 18.45 -30.56
CA GLU B 90 -4.86 18.88 -31.38
C GLU B 90 -4.36 17.73 -32.25
N ILE B 91 -4.40 16.51 -31.72
CA ILE B 91 -4.02 15.34 -32.49
C ILE B 91 -4.97 15.15 -33.66
N ASN B 92 -6.27 15.31 -33.41
CA ASN B 92 -7.27 15.16 -34.45
C ASN B 92 -7.13 16.23 -35.53
N ASN B 93 -6.82 17.47 -35.12
CA ASN B 93 -6.63 18.53 -36.10
C ASN B 93 -5.52 18.20 -37.09
N ASP B 94 -4.38 17.73 -36.58
CA ASP B 94 -3.19 17.59 -37.42
C ASP B 94 -3.39 16.52 -38.48
N SER B 95 -2.90 16.81 -39.68
CA SER B 95 -2.94 15.88 -40.79
C SER B 95 -1.67 15.07 -40.93
N SER B 96 -0.69 15.28 -40.06
CA SER B 96 0.57 14.54 -40.10
C SER B 96 0.61 13.39 -39.11
N LEU B 97 0.11 13.58 -37.90
CA LEU B 97 0.09 12.54 -36.87
C LEU B 97 -1.25 11.84 -36.90
N LEU B 98 -1.23 10.53 -37.12
CA LEU B 98 -2.44 9.72 -37.25
C LEU B 98 -3.39 10.34 -38.25
N PRO B 99 -3.09 10.30 -39.54
CA PRO B 99 -3.99 10.88 -40.53
C PRO B 99 -5.09 9.89 -40.91
N GLY B 100 -6.32 10.37 -40.93
CA GLY B 100 -7.45 9.55 -41.30
C GLY B 100 -8.03 8.69 -40.21
N VAL B 101 -7.43 8.69 -39.02
CA VAL B 101 -7.93 7.92 -37.88
C VAL B 101 -8.35 8.91 -36.80
N LEU B 102 -9.62 8.86 -36.41
CA LEU B 102 -10.10 9.72 -35.34
C LEU B 102 -9.75 9.11 -34.00
N LEU B 103 -8.97 9.84 -33.20
CA LEU B 103 -8.59 9.39 -31.87
C LEU B 103 -9.66 9.82 -30.88
N GLY B 104 -10.46 8.87 -30.43
CA GLY B 104 -11.47 9.13 -29.43
C GLY B 104 -11.01 8.74 -28.04
N TYR B 105 -11.77 9.20 -27.04
CA TYR B 105 -11.43 8.91 -25.66
C TYR B 105 -12.70 8.77 -24.84
N GLU B 106 -12.60 7.96 -23.78
CA GLU B 106 -13.70 7.75 -22.83
C GLU B 106 -13.15 8.09 -21.46
N ILE B 107 -13.19 9.37 -21.10
CA ILE B 107 -12.69 9.83 -19.82
C ILE B 107 -13.72 9.50 -18.75
N VAL B 108 -13.28 8.87 -17.67
CA VAL B 108 -14.14 8.58 -16.54
C VAL B 108 -13.50 9.13 -15.28
N ASP B 109 -14.32 9.46 -14.31
CA ASP B 109 -13.86 10.10 -13.09
C ASP B 109 -13.44 9.04 -12.08
N VAL B 110 -12.19 9.10 -11.64
CA VAL B 110 -11.67 8.22 -10.62
C VAL B 110 -11.44 9.07 -9.37
N CYS B 111 -11.91 8.58 -8.23
CA CYS B 111 -11.61 9.27 -7.00
C CYS B 111 -10.16 9.00 -6.60
N TYR B 112 -9.68 9.73 -5.59
CA TYR B 112 -8.31 9.54 -5.15
C TYR B 112 -8.06 8.11 -4.69
N ILE B 113 -8.97 7.57 -3.89
CA ILE B 113 -8.96 6.16 -3.51
C ILE B 113 -10.30 5.49 -3.79
N SER B 114 -11.40 6.16 -3.45
CA SER B 114 -12.73 5.57 -3.30
C SER B 114 -13.12 4.59 -4.41
N ASN B 115 -13.21 5.07 -5.65
CA ASN B 115 -13.67 4.24 -6.76
C ASN B 115 -12.55 4.11 -7.79
N ASN B 116 -11.87 2.96 -7.78
CA ASN B 116 -10.80 2.70 -8.74
C ASN B 116 -10.87 1.29 -9.30
N VAL B 117 -12.03 0.64 -9.24
CA VAL B 117 -12.24 -0.70 -9.77
C VAL B 117 -13.26 -0.69 -10.91
N GLN B 118 -14.40 -0.05 -10.70
CA GLN B 118 -15.40 0.05 -11.75
C GLN B 118 -14.89 0.71 -13.01
N PRO B 119 -14.09 1.80 -12.97
CA PRO B 119 -13.56 2.34 -14.23
C PRO B 119 -12.74 1.33 -15.02
N VAL B 120 -11.91 0.53 -14.35
CA VAL B 120 -11.12 -0.46 -15.07
C VAL B 120 -12.03 -1.55 -15.63
N LEU B 121 -13.00 -2.01 -14.85
CA LEU B 121 -13.93 -3.01 -15.34
C LEU B 121 -14.69 -2.49 -16.56
N TYR B 122 -14.98 -1.20 -16.58
CA TYR B 122 -15.73 -0.63 -17.69
C TYR B 122 -14.85 -0.47 -18.92
N PHE B 123 -13.59 -0.07 -18.73
CA PHE B 123 -12.67 0.03 -19.85
C PHE B 123 -12.42 -1.33 -20.49
N LEU B 124 -12.26 -2.37 -19.66
CA LEU B 124 -11.94 -3.68 -20.21
C LEU B 124 -13.12 -4.34 -20.91
N ALA B 125 -14.35 -3.94 -20.58
CA ALA B 125 -15.52 -4.58 -21.16
C ALA B 125 -15.68 -4.18 -22.63
N HIS B 126 -16.53 -4.92 -23.34
CA HIS B 126 -16.83 -4.63 -24.73
C HIS B 126 -17.83 -3.49 -24.82
N GLU B 127 -18.39 -3.29 -26.02
CA GLU B 127 -19.44 -2.30 -26.21
C GLU B 127 -20.77 -2.75 -25.62
N ASP B 128 -20.91 -4.02 -25.25
CA ASP B 128 -22.12 -4.53 -24.61
C ASP B 128 -21.98 -4.59 -23.10
N ASN B 129 -20.92 -4.04 -22.54
CA ASN B 129 -20.69 -4.01 -21.09
C ASN B 129 -20.58 -5.42 -20.52
N LEU B 130 -19.96 -6.33 -21.28
CA LEU B 130 -19.71 -7.68 -20.83
C LEU B 130 -18.23 -7.99 -21.00
N LEU B 131 -17.60 -8.52 -19.95
CA LEU B 131 -16.18 -8.84 -19.98
C LEU B 131 -16.01 -10.35 -19.98
N PRO B 132 -15.65 -10.96 -21.10
CA PRO B 132 -15.47 -12.42 -21.11
C PRO B 132 -14.25 -12.82 -20.28
N ILE B 133 -14.30 -14.03 -19.76
CA ILE B 133 -13.20 -14.61 -18.99
C ILE B 133 -12.67 -15.80 -19.77
N GLN B 134 -11.37 -15.79 -20.05
CA GLN B 134 -10.75 -16.85 -20.82
C GLN B 134 -9.30 -17.00 -20.36
N GLU B 135 -8.72 -18.14 -20.70
CA GLU B 135 -7.34 -18.38 -20.33
C GLU B 135 -6.38 -17.42 -21.03
N ASP B 136 -6.64 -17.13 -22.31
CA ASP B 136 -5.76 -16.28 -23.11
C ASP B 136 -6.51 -15.08 -23.64
N TYR B 137 -5.86 -13.91 -23.58
CA TYR B 137 -6.43 -12.66 -24.06
C TYR B 137 -5.70 -12.11 -25.27
N SER B 138 -4.98 -12.96 -26.00
CA SER B 138 -4.21 -12.48 -27.15
C SER B 138 -5.13 -11.91 -28.23
N ASN B 139 -6.25 -12.57 -28.50
CA ASN B 139 -7.18 -12.13 -29.54
C ASN B 139 -8.24 -11.19 -29.02
N TYR B 140 -8.30 -10.93 -27.72
CA TYR B 140 -9.33 -10.07 -27.16
C TYR B 140 -9.03 -8.61 -27.49
N ILE B 141 -10.05 -7.89 -27.95
CA ILE B 141 -9.96 -6.46 -28.21
C ILE B 141 -10.90 -5.76 -27.24
N SER B 142 -10.36 -4.79 -26.50
CA SER B 142 -11.11 -4.13 -25.45
C SER B 142 -11.73 -2.84 -25.98
N ARG B 143 -12.53 -2.19 -25.12
CA ARG B 143 -13.17 -0.93 -25.52
C ARG B 143 -12.13 0.15 -25.77
N VAL B 144 -11.11 0.23 -24.94
CA VAL B 144 -10.08 1.27 -25.04
C VAL B 144 -8.75 0.61 -25.35
N VAL B 145 -7.94 1.29 -26.16
CA VAL B 145 -6.64 0.75 -26.56
C VAL B 145 -5.54 1.08 -25.57
N ALA B 146 -5.74 2.09 -24.72
CA ALA B 146 -4.78 2.45 -23.68
C ALA B 146 -5.52 3.30 -22.66
N VAL B 147 -4.91 3.47 -21.49
CA VAL B 147 -5.51 4.24 -20.41
C VAL B 147 -4.47 5.19 -19.84
N ILE B 148 -4.87 6.45 -19.66
CA ILE B 148 -4.03 7.43 -18.98
C ILE B 148 -4.30 7.29 -17.48
N GLY B 149 -3.33 6.75 -16.75
CA GLY B 149 -3.56 6.24 -15.42
C GLY B 149 -3.93 7.28 -14.40
N PRO B 150 -4.26 6.83 -13.20
CA PRO B 150 -4.63 7.77 -12.13
C PRO B 150 -3.44 8.61 -11.67
N ASP B 151 -3.68 9.53 -10.73
CA ASP B 151 -2.70 10.54 -10.36
C ASP B 151 -1.99 10.24 -9.05
N ASN B 152 -2.32 9.15 -8.38
CA ASN B 152 -1.66 8.79 -7.13
C ASN B 152 -1.19 7.35 -7.20
N SER B 153 -0.20 7.03 -6.36
CA SER B 153 0.45 5.74 -6.45
C SER B 153 -0.47 4.56 -6.15
N GLU B 154 -1.37 4.69 -5.18
CA GLU B 154 -2.17 3.55 -4.76
C GLU B 154 -3.18 3.12 -5.81
N SER B 155 -3.94 4.07 -6.36
CA SER B 155 -4.89 3.71 -7.40
C SER B 155 -4.18 3.28 -8.67
N VAL B 156 -3.00 3.86 -8.95
CA VAL B 156 -2.19 3.39 -10.07
C VAL B 156 -1.81 1.94 -9.87
N MET B 157 -1.42 1.57 -8.64
CA MET B 157 -1.07 0.20 -8.35
C MET B 157 -2.27 -0.72 -8.55
N THR B 158 -3.44 -0.29 -8.10
CA THR B 158 -4.65 -1.11 -8.27
C THR B 158 -4.97 -1.30 -9.76
N VAL B 159 -4.91 -0.22 -10.53
CA VAL B 159 -5.23 -0.31 -11.95
C VAL B 159 -4.24 -1.20 -12.67
N ALA B 160 -2.95 -1.06 -12.35
CA ALA B 160 -1.94 -1.90 -12.98
C ALA B 160 -2.13 -3.37 -12.60
N ASN B 161 -2.46 -3.64 -11.33
CA ASN B 161 -2.72 -5.02 -10.92
C ASN B 161 -3.90 -5.61 -11.67
N PHE B 162 -4.92 -4.79 -11.95
CA PHE B 162 -6.07 -5.29 -12.70
C PHE B 162 -5.78 -5.46 -14.18
N LEU B 163 -4.94 -4.62 -14.75
CA LEU B 163 -4.67 -4.64 -16.19
C LEU B 163 -3.51 -5.54 -16.57
N SER B 164 -2.74 -6.04 -15.61
CA SER B 164 -1.60 -6.90 -15.95
C SER B 164 -2.04 -8.15 -16.71
N LEU B 165 -3.28 -8.62 -16.49
CA LEU B 165 -3.76 -9.77 -17.24
C LEU B 165 -3.89 -9.45 -18.72
N PHE B 166 -4.43 -8.28 -19.04
CA PHE B 166 -4.72 -7.91 -20.42
C PHE B 166 -3.58 -7.17 -21.08
N LEU B 167 -2.56 -6.77 -20.33
CA LEU B 167 -1.45 -5.97 -20.85
C LEU B 167 -1.95 -4.73 -21.59
N LEU B 168 -2.98 -4.10 -21.03
CA LEU B 168 -3.46 -2.83 -21.55
C LEU B 168 -2.46 -1.75 -21.18
N PRO B 169 -1.90 -1.02 -22.15
CA PRO B 169 -0.93 0.03 -21.81
C PRO B 169 -1.55 1.07 -20.89
N GLN B 170 -0.78 1.52 -19.91
CA GLN B 170 -1.26 2.47 -18.93
C GLN B 170 -0.14 3.43 -18.61
N ILE B 171 -0.28 4.68 -19.03
CA ILE B 171 0.73 5.71 -18.78
C ILE B 171 0.20 6.62 -17.69
N THR B 172 0.80 6.53 -16.51
CA THR B 172 0.41 7.38 -15.41
C THR B 172 1.19 8.69 -15.46
N TYR B 173 0.58 9.72 -14.90
CA TYR B 173 1.21 11.01 -14.70
C TYR B 173 1.28 11.29 -13.20
N SER B 174 2.33 11.99 -12.78
CA SER B 174 2.47 12.46 -11.40
C SER B 174 2.39 11.32 -10.39
N ALA B 175 2.72 10.10 -10.81
CA ALA B 175 2.90 8.99 -9.87
C ALA B 175 4.39 8.84 -9.62
N ILE B 176 4.79 8.87 -8.35
CA ILE B 176 6.21 8.97 -8.01
C ILE B 176 6.72 7.76 -7.25
N SER B 177 5.85 6.80 -6.92
CA SER B 177 6.31 5.66 -6.13
C SER B 177 7.38 4.89 -6.89
N ASP B 178 8.45 4.54 -6.18
CA ASP B 178 9.51 3.73 -6.77
C ASP B 178 9.09 2.28 -6.95
N GLU B 179 7.98 1.87 -6.33
CA GLU B 179 7.51 0.49 -6.45
C GLU B 179 7.01 0.18 -7.84
N LEU B 180 6.65 1.19 -8.63
CA LEU B 180 6.20 0.99 -10.01
C LEU B 180 7.36 0.94 -10.99
N ARG B 181 8.60 1.10 -10.54
CA ARG B 181 9.73 1.08 -11.45
C ARG B 181 9.91 -0.30 -12.09
N ASP B 182 9.79 -1.36 -11.29
CA ASP B 182 10.07 -2.69 -11.79
C ASP B 182 8.94 -3.19 -12.71
N LYS B 183 9.34 -3.93 -13.74
CA LYS B 183 8.40 -4.44 -14.73
C LYS B 183 8.12 -5.93 -14.55
N VAL B 184 8.55 -6.52 -13.44
CA VAL B 184 8.20 -7.90 -13.16
C VAL B 184 6.72 -8.02 -12.81
N ARG B 185 6.22 -7.12 -11.96
CA ARG B 185 4.84 -7.17 -11.50
C ARG B 185 3.96 -6.09 -12.12
N PHE B 186 4.53 -5.15 -12.87
CA PHE B 186 3.77 -4.12 -13.58
C PHE B 186 4.21 -4.08 -15.03
N PRO B 187 3.94 -5.15 -15.79
CA PRO B 187 4.44 -5.19 -17.17
C PRO B 187 3.87 -4.11 -18.06
N ALA B 188 2.65 -3.64 -17.78
CA ALA B 188 1.94 -2.73 -18.66
C ALA B 188 1.88 -1.30 -18.13
N LEU B 189 2.70 -0.97 -17.13
CA LEU B 189 2.70 0.37 -16.55
C LEU B 189 3.87 1.17 -17.10
N LEU B 190 3.58 2.40 -17.52
CA LEU B 190 4.60 3.35 -17.95
C LEU B 190 4.44 4.62 -17.13
N ARG B 191 5.17 5.66 -17.52
CA ARG B 191 5.13 6.90 -16.75
C ARG B 191 5.59 8.05 -17.62
N THR B 192 5.33 9.28 -17.15
CA THR B 192 5.82 10.48 -17.81
C THR B 192 6.38 11.49 -16.80
N THR B 193 6.69 11.05 -15.60
CA THR B 193 7.28 11.90 -14.57
C THR B 193 8.43 11.15 -13.91
N PRO B 194 9.47 11.86 -13.48
CA PRO B 194 10.54 11.19 -12.75
C PRO B 194 10.05 10.61 -11.44
N SER B 195 10.66 9.51 -11.03
CA SER B 195 10.23 8.80 -9.84
C SER B 195 10.63 9.59 -8.59
N ALA B 196 10.31 9.01 -7.42
CA ALA B 196 10.66 9.66 -6.16
C ALA B 196 12.16 9.72 -5.93
N ASP B 197 12.92 8.84 -6.59
CA ASP B 197 14.37 8.90 -6.47
C ASP B 197 14.91 10.26 -6.92
N HIS B 198 14.43 10.74 -8.06
CA HIS B 198 14.88 12.04 -8.55
C HIS B 198 14.35 13.18 -7.70
N HIS B 199 13.14 13.06 -7.15
CA HIS B 199 12.63 14.09 -6.25
C HIS B 199 13.52 14.21 -5.01
N ILE B 200 13.84 13.09 -4.39
CA ILE B 200 14.68 13.11 -3.20
C ILE B 200 16.08 13.61 -3.55
N GLU B 201 16.59 13.22 -4.72
CA GLU B 201 17.90 13.70 -5.15
C GLU B 201 17.89 15.22 -5.31
N ALA B 202 16.83 15.77 -5.90
CA ALA B 202 16.74 17.21 -6.05
C ALA B 202 16.69 17.90 -4.70
N MET B 203 15.92 17.35 -3.77
CA MET B 203 15.88 17.92 -2.42
C MET B 203 17.27 17.92 -1.79
N VAL B 204 17.98 16.81 -1.88
CA VAL B 204 19.29 16.71 -1.23
C VAL B 204 20.30 17.63 -1.91
N GLN B 205 20.22 17.76 -3.23
CA GLN B 205 21.13 18.66 -3.94
C GLN B 205 20.88 20.12 -3.56
N LEU B 206 19.61 20.51 -3.45
CA LEU B 206 19.30 21.86 -2.99
C LEU B 206 19.76 22.07 -1.55
N MET B 207 19.62 21.04 -0.71
CA MET B 207 20.05 21.14 0.67
C MET B 207 21.55 21.32 0.77
N LEU B 208 22.31 20.60 -0.06
CA LEU B 208 23.76 20.71 -0.03
C LEU B 208 24.26 22.00 -0.67
N HIS B 209 23.52 22.54 -1.65
CA HIS B 209 23.96 23.77 -2.30
C HIS B 209 23.97 24.94 -1.33
N PHE B 210 22.98 25.03 -0.46
CA PHE B 210 22.88 26.12 0.50
C PHE B 210 23.46 25.75 1.87
N ARG B 211 24.06 24.57 2.00
CA ARG B 211 24.76 24.15 3.21
C ARG B 211 23.83 24.08 4.42
N TRP B 212 22.81 23.25 4.30
CA TRP B 212 21.95 22.89 5.43
C TRP B 212 22.19 21.42 5.74
N ASN B 213 22.62 21.13 6.97
CA ASN B 213 22.81 19.74 7.37
C ASN B 213 22.04 19.43 8.65
N TRP B 214 20.91 20.10 8.85
CA TRP B 214 20.10 19.88 10.05
C TRP B 214 18.67 20.19 9.66
N ILE B 215 17.90 19.14 9.37
CA ILE B 215 16.55 19.29 8.82
C ILE B 215 15.56 18.54 9.69
N ILE B 216 14.29 18.94 9.55
CA ILE B 216 13.17 18.31 10.22
C ILE B 216 12.26 17.71 9.15
N VAL B 217 11.93 16.43 9.28
CA VAL B 217 11.14 15.73 8.29
C VAL B 217 9.77 15.44 8.87
N LEU B 218 8.72 15.78 8.14
CA LEU B 218 7.35 15.48 8.53
C LEU B 218 6.72 14.63 7.43
N VAL B 219 6.08 13.53 7.84
CA VAL B 219 5.38 12.66 6.91
C VAL B 219 3.93 12.56 7.35
N SER B 220 3.08 12.11 6.44
CA SER B 220 1.69 11.87 6.75
C SER B 220 1.49 10.40 7.11
N SER B 221 0.33 10.10 7.69
CA SER B 221 0.06 8.75 8.15
C SER B 221 -0.14 7.78 7.00
N ASP B 222 -0.39 8.27 5.78
CA ASP B 222 -0.64 7.39 4.66
C ASP B 222 0.66 6.75 4.18
N THR B 223 0.52 5.78 3.28
CA THR B 223 1.68 5.03 2.80
C THR B 223 2.63 5.91 2.01
N TYR B 224 2.11 6.84 1.22
CA TYR B 224 2.97 7.66 0.38
C TYR B 224 3.93 8.49 1.21
N GLY B 225 3.42 9.13 2.25
CA GLY B 225 4.29 9.90 3.12
C GLY B 225 5.33 9.05 3.81
N ARG B 226 4.94 7.86 4.26
CA ARG B 226 5.87 6.99 4.96
C ARG B 226 6.99 6.52 4.03
N ASP B 227 6.63 6.08 2.82
CA ASP B 227 7.65 5.65 1.87
C ASP B 227 8.57 6.78 1.49
N ASN B 228 8.02 7.97 1.22
CA ASN B 228 8.86 9.09 0.83
C ASN B 228 9.78 9.51 1.97
N GLY B 229 9.28 9.53 3.20
CA GLY B 229 10.12 9.89 4.34
C GLY B 229 11.24 8.88 4.56
N GLN B 230 10.92 7.60 4.47
CA GLN B 230 11.96 6.58 4.61
C GLN B 230 13.00 6.72 3.51
N LEU B 231 12.56 6.96 2.26
CA LEU B 231 13.49 7.12 1.17
C LEU B 231 14.39 8.34 1.37
N LEU B 232 13.82 9.45 1.82
CA LEU B 232 14.63 10.64 2.07
C LEU B 232 15.64 10.38 3.18
N GLY B 233 15.21 9.71 4.25
CA GLY B 233 16.14 9.40 5.33
C GLY B 233 17.29 8.54 4.85
N GLU B 234 16.99 7.49 4.08
CA GLU B 234 18.04 6.61 3.58
C GLU B 234 18.99 7.35 2.65
N ARG B 235 18.45 8.21 1.77
CA ARG B 235 19.30 8.93 0.85
C ARG B 235 20.16 9.95 1.58
N VAL B 236 19.61 10.61 2.60
CA VAL B 236 20.31 11.72 3.23
C VAL B 236 21.29 11.25 4.28
N ALA B 237 21.13 10.03 4.80
CA ALA B 237 22.01 9.56 5.86
C ALA B 237 23.44 9.32 5.38
N ARG B 238 23.65 9.17 4.08
CA ARG B 238 24.98 8.89 3.56
C ARG B 238 25.66 10.12 2.98
N ARG B 239 25.04 11.29 3.06
CA ARG B 239 25.59 12.50 2.46
C ARG B 239 25.86 13.58 3.50
N ASP B 240 26.21 13.18 4.72
CA ASP B 240 26.65 14.10 5.77
C ASP B 240 25.59 15.17 6.06
N ILE B 241 24.32 14.77 6.06
CA ILE B 241 23.23 15.62 6.49
C ILE B 241 22.37 14.82 7.45
N CYS B 242 22.13 15.36 8.64
CA CYS B 242 21.40 14.63 9.67
C CYS B 242 19.97 15.14 9.77
N ILE B 243 19.10 14.28 10.29
CA ILE B 243 17.69 14.59 10.51
C ILE B 243 17.50 14.80 12.00
N ALA B 244 16.99 15.98 12.37
CA ALA B 244 16.75 16.26 13.77
C ALA B 244 15.71 15.33 14.35
N PHE B 245 14.55 15.23 13.71
CA PHE B 245 13.52 14.30 14.13
C PHE B 245 12.51 14.13 13.00
N GLN B 246 11.71 13.08 13.12
CA GLN B 246 10.65 12.82 12.16
C GLN B 246 9.34 12.64 12.92
N GLU B 247 8.33 13.42 12.55
CA GLU B 247 7.03 13.34 13.18
C GLU B 247 5.97 13.15 12.12
N THR B 248 4.90 12.45 12.48
CA THR B 248 3.86 12.05 11.54
C THR B 248 2.59 12.84 11.81
N LEU B 249 2.13 13.58 10.81
CA LEU B 249 0.90 14.34 10.94
C LEU B 249 -0.31 13.42 10.92
N PRO B 250 -1.27 13.58 11.82
CA PRO B 250 -2.48 12.76 11.76
C PRO B 250 -3.32 13.11 10.56
N THR B 251 -4.06 12.13 10.06
CA THR B 251 -4.96 12.37 8.94
C THR B 251 -6.06 13.34 9.36
N LEU B 252 -6.15 14.47 8.66
CA LEU B 252 -7.12 15.50 9.03
C LEU B 252 -7.56 16.22 7.76
N GLN B 253 -8.65 15.75 7.16
CA GLN B 253 -9.20 16.42 6.00
C GLN B 253 -9.81 17.76 6.42
N PRO B 254 -9.71 18.77 5.55
CA PRO B 254 -10.22 20.10 5.92
C PRO B 254 -11.74 20.16 5.94
N ASN B 255 -12.29 21.32 6.30
CA ASN B 255 -13.74 21.53 6.35
C ASN B 255 -14.43 20.48 7.21
N GLN B 256 -13.84 20.17 8.36
CA GLN B 256 -14.43 19.21 9.28
C GLN B 256 -14.00 19.54 10.70
N ASN B 257 -14.77 19.04 11.66
CA ASN B 257 -14.49 19.27 13.08
C ASN B 257 -13.57 18.16 13.57
N MET B 258 -12.34 18.53 13.89
CA MET B 258 -11.34 17.55 14.28
C MET B 258 -11.31 17.33 15.78
N THR B 259 -11.00 16.10 16.18
CA THR B 259 -11.04 15.68 17.57
C THR B 259 -9.96 16.38 18.38
N SER B 260 -10.24 16.62 19.66
CA SER B 260 -9.28 17.28 20.54
C SER B 260 -7.98 16.51 20.65
N GLU B 261 -8.02 15.19 20.45
CA GLU B 261 -6.78 14.42 20.42
C GLU B 261 -5.88 14.86 19.27
N GLU B 262 -6.48 15.09 18.09
CA GLU B 262 -5.70 15.61 16.98
C GLU B 262 -5.24 17.04 17.24
N ARG B 263 -6.04 17.83 17.96
CA ARG B 263 -5.60 19.17 18.37
C ARG B 263 -4.34 19.08 19.23
N GLN B 264 -4.35 18.18 20.22
CA GLN B 264 -3.18 18.00 21.07
C GLN B 264 -1.99 17.51 20.26
N ARG B 265 -2.22 16.59 19.33
CA ARG B 265 -1.12 16.08 18.51
C ARG B 265 -0.50 17.18 17.67
N LEU B 266 -1.33 18.01 17.04
CA LEU B 266 -0.82 19.11 16.23
C LEU B 266 -0.09 20.13 17.09
N VAL B 267 -0.62 20.42 18.28
CA VAL B 267 0.05 21.33 19.19
C VAL B 267 1.42 20.80 19.56
N THR B 268 1.50 19.50 19.87
CA THR B 268 2.78 18.89 20.22
C THR B 268 3.76 18.95 19.05
N ILE B 269 3.29 18.68 17.84
CA ILE B 269 4.17 18.70 16.68
C ILE B 269 4.72 20.10 16.44
N VAL B 270 3.86 21.11 16.51
CA VAL B 270 4.34 22.48 16.28
C VAL B 270 5.27 22.92 17.41
N ASP B 271 4.99 22.51 18.65
CA ASP B 271 5.87 22.84 19.75
C ASP B 271 7.24 22.21 19.56
N LYS B 272 7.29 20.97 19.10
CA LYS B 272 8.57 20.34 18.81
C LYS B 272 9.28 21.04 17.67
N LEU B 273 8.53 21.46 16.65
CA LEU B 273 9.13 22.22 15.55
C LEU B 273 9.77 23.50 16.06
N GLN B 274 9.09 24.22 16.95
CA GLN B 274 9.61 25.48 17.46
C GLN B 274 10.82 25.27 18.36
N GLN B 275 10.75 24.25 19.22
CA GLN B 275 11.86 24.01 20.16
C GLN B 275 13.14 23.64 19.43
N SER B 276 13.03 22.85 18.37
CA SER B 276 14.21 22.39 17.64
C SER B 276 14.94 23.55 16.98
N THR B 277 16.26 23.40 16.88
CA THR B 277 17.11 24.42 16.26
C THR B 277 17.17 24.31 14.75
N ALA B 278 16.63 23.22 14.17
CA ALA B 278 16.59 23.11 12.72
C ALA B 278 15.57 24.09 12.14
N ARG B 279 15.92 24.68 10.99
CA ARG B 279 15.06 25.64 10.32
C ARG B 279 14.81 25.26 8.87
N VAL B 280 14.83 23.97 8.57
CA VAL B 280 14.46 23.49 7.24
C VAL B 280 13.54 22.30 7.40
N VAL B 281 12.25 22.50 7.17
CA VAL B 281 11.24 21.48 7.40
C VAL B 281 10.79 20.93 6.06
N VAL B 282 10.93 19.62 5.88
CA VAL B 282 10.53 18.93 4.66
C VAL B 282 9.23 18.21 4.95
N VAL B 283 8.19 18.52 4.18
CA VAL B 283 6.85 17.99 4.43
C VAL B 283 6.48 17.05 3.29
N PHE B 284 6.19 15.80 3.63
CA PHE B 284 5.79 14.76 2.68
C PHE B 284 4.36 14.36 3.03
N SER B 285 3.39 15.04 2.46
CA SER B 285 2.00 14.75 2.78
C SER B 285 1.12 15.16 1.60
N PRO B 286 -0.04 14.52 1.44
CA PRO B 286 -0.97 14.96 0.39
C PRO B 286 -1.45 16.37 0.66
N ASP B 287 -1.84 17.05 -0.42
CA ASP B 287 -2.17 18.46 -0.38
C ASP B 287 -3.43 18.77 0.43
N LEU B 288 -4.20 17.76 0.81
CA LEU B 288 -5.45 17.99 1.52
C LEU B 288 -5.28 18.08 3.03
N THR B 289 -4.35 17.31 3.60
CA THR B 289 -4.22 17.19 5.04
C THR B 289 -3.32 18.24 5.66
N LEU B 290 -2.85 19.21 4.88
CA LEU B 290 -1.97 20.24 5.40
C LEU B 290 -2.70 21.50 5.87
N TYR B 291 -3.99 21.62 5.61
CA TYR B 291 -4.70 22.85 5.98
C TYR B 291 -4.75 23.03 7.49
N HIS B 292 -5.15 21.99 8.21
CA HIS B 292 -5.21 22.09 9.67
C HIS B 292 -3.82 22.30 10.26
N PHE B 293 -2.82 21.62 9.72
CA PHE B 293 -1.46 21.77 10.24
C PHE B 293 -0.96 23.20 10.04
N PHE B 294 -1.19 23.78 8.86
CA PHE B 294 -0.71 25.14 8.63
C PHE B 294 -1.50 26.16 9.42
N ASN B 295 -2.80 25.92 9.63
CA ASN B 295 -3.56 26.81 10.50
C ASN B 295 -3.03 26.76 11.93
N GLU B 296 -2.68 25.56 12.40
CA GLU B 296 -2.11 25.45 13.74
C GLU B 296 -0.77 26.16 13.85
N VAL B 297 0.08 25.99 12.84
CA VAL B 297 1.38 26.66 12.84
C VAL B 297 1.19 28.17 12.84
N LEU B 298 0.24 28.65 12.03
CA LEU B 298 -0.06 30.07 11.98
C LEU B 298 -0.53 30.60 13.34
N ARG B 299 -1.40 29.84 14.00
CA ARG B 299 -1.87 30.25 15.32
C ARG B 299 -0.72 30.31 16.32
N GLN B 300 0.16 29.32 16.30
CA GLN B 300 1.27 29.30 17.25
C GLN B 300 2.33 30.36 16.95
N ASN B 301 2.23 31.05 15.82
CA ASN B 301 3.15 32.12 15.44
C ASN B 301 4.59 31.62 15.39
N PHE B 302 4.77 30.49 14.72
CA PHE B 302 6.10 29.90 14.50
C PHE B 302 6.64 30.42 13.18
N THR B 303 7.72 31.19 13.23
CA THR B 303 8.24 31.87 12.06
C THR B 303 9.72 31.58 11.89
N GLY B 304 10.16 31.61 10.64
CA GLY B 304 11.57 31.54 10.33
C GLY B 304 12.07 30.20 9.88
N ALA B 305 11.31 29.46 9.07
CA ALA B 305 11.74 28.16 8.57
C ALA B 305 11.63 28.13 7.05
N VAL B 306 12.46 27.31 6.43
CA VAL B 306 12.47 27.15 4.98
C VAL B 306 11.70 25.87 4.67
N TRP B 307 10.39 25.99 4.44
CA TRP B 307 9.58 24.82 4.16
C TRP B 307 9.90 24.29 2.78
N ILE B 308 10.13 22.99 2.68
CA ILE B 308 10.41 22.31 1.42
C ILE B 308 9.26 21.35 1.15
N ALA B 309 8.64 21.47 -0.02
CA ALA B 309 7.44 20.73 -0.35
C ALA B 309 7.76 19.54 -1.23
N SER B 310 6.96 18.49 -1.11
CA SER B 310 7.01 17.40 -2.07
C SER B 310 6.16 17.77 -3.28
N GLU B 311 6.14 16.88 -4.28
CA GLU B 311 5.38 17.16 -5.48
C GLU B 311 3.87 17.16 -5.24
N SER B 312 3.43 16.66 -4.08
CA SER B 312 1.99 16.59 -3.80
C SER B 312 1.38 17.97 -3.71
N TRP B 313 2.04 18.89 -3.01
CA TRP B 313 1.48 20.23 -2.80
C TRP B 313 2.42 21.33 -3.25
N ALA B 314 3.48 21.01 -4.00
CA ALA B 314 4.39 22.04 -4.47
C ALA B 314 3.72 22.97 -5.47
N ILE B 315 2.60 22.56 -6.06
CA ILE B 315 1.92 23.35 -7.08
C ILE B 315 0.45 23.49 -6.75
N ASP B 316 0.11 23.32 -5.47
CA ASP B 316 -1.30 23.38 -5.07
C ASP B 316 -1.78 24.82 -5.09
N PRO B 317 -2.75 25.17 -5.94
CA PRO B 317 -3.18 26.56 -6.03
C PRO B 317 -4.12 26.98 -4.90
N VAL B 318 -4.97 26.05 -4.47
CA VAL B 318 -5.91 26.39 -3.41
C VAL B 318 -5.18 26.56 -2.08
N LEU B 319 -4.14 25.76 -1.84
CA LEU B 319 -3.32 25.96 -0.66
C LEU B 319 -2.50 27.24 -0.76
N HIS B 320 -1.95 27.52 -1.94
CA HIS B 320 -1.16 28.74 -2.13
C HIS B 320 -2.02 29.99 -2.03
N ASN B 321 -3.34 29.85 -2.22
CA ASN B 321 -4.23 31.00 -2.13
C ASN B 321 -4.40 31.50 -0.70
N LEU B 322 -3.90 30.78 0.31
CA LEU B 322 -4.10 31.19 1.69
C LEU B 322 -3.58 32.60 1.93
N THR B 323 -2.39 32.91 1.42
CA THR B 323 -1.74 34.22 1.40
C THR B 323 -1.39 34.66 2.82
N GLU B 324 -1.71 33.90 3.85
CA GLU B 324 -1.30 34.20 5.21
C GLU B 324 -0.11 33.36 5.65
N LEU B 325 0.48 32.60 4.73
CA LEU B 325 1.69 31.83 5.00
C LEU B 325 2.95 32.60 4.63
N ARG B 326 2.82 33.84 4.17
CA ARG B 326 4.01 34.63 3.85
C ARG B 326 4.89 34.86 5.06
N HIS B 327 4.32 34.81 6.27
CA HIS B 327 5.06 35.03 7.50
C HIS B 327 5.67 33.75 8.06
N LEU B 328 5.41 32.61 7.45
CA LEU B 328 5.97 31.35 7.90
C LEU B 328 7.37 31.10 7.36
N GLY B 329 7.90 32.01 6.55
CA GLY B 329 9.20 31.83 5.95
C GLY B 329 9.11 31.72 4.44
N THR B 330 10.03 30.98 3.84
CA THR B 330 10.02 30.76 2.40
C THR B 330 9.60 29.34 2.11
N PHE B 331 8.75 29.17 1.11
CA PHE B 331 8.27 27.87 0.69
C PHE B 331 8.94 27.48 -0.62
N LEU B 332 9.47 26.28 -0.67
CA LEU B 332 9.99 25.70 -1.90
C LEU B 332 9.22 24.43 -2.19
N GLY B 333 9.43 23.89 -3.40
CA GLY B 333 8.76 22.65 -3.76
C GLY B 333 9.36 22.09 -5.04
N ILE B 334 9.21 20.79 -5.20
CA ILE B 334 9.78 20.06 -6.33
C ILE B 334 8.64 19.67 -7.26
N THR B 335 8.77 20.02 -8.53
CA THR B 335 7.71 19.75 -9.49
C THR B 335 8.29 19.76 -10.90
N ILE B 336 7.48 19.28 -11.85
CA ILE B 336 7.96 19.12 -13.22
C ILE B 336 8.23 20.48 -13.85
N GLN B 337 9.28 20.54 -14.67
CA GLN B 337 9.66 21.79 -15.31
C GLN B 337 8.53 22.35 -16.15
N SER B 338 8.34 23.66 -16.06
CA SER B 338 7.28 24.31 -16.82
C SER B 338 7.63 24.33 -18.29
N VAL B 339 6.65 24.00 -19.14
CA VAL B 339 6.79 24.08 -20.58
C VAL B 339 5.55 24.76 -21.14
N PRO B 340 5.68 25.90 -21.80
CA PRO B 340 4.48 26.60 -22.27
C PRO B 340 3.83 25.92 -23.46
N ILE B 341 2.65 25.35 -23.24
CA ILE B 341 1.87 24.71 -24.30
C ILE B 341 1.08 25.79 -25.02
N PRO B 342 1.29 26.01 -26.32
CA PRO B 342 0.59 27.10 -27.01
C PRO B 342 -0.90 26.79 -27.13
N GLY B 343 -1.72 27.78 -26.80
CA GLY B 343 -3.15 27.68 -27.02
C GLY B 343 -3.90 26.85 -26.01
N PHE B 344 -3.25 26.40 -24.94
CA PHE B 344 -3.98 25.62 -23.95
C PHE B 344 -4.85 26.49 -23.05
N SER B 345 -4.35 27.68 -22.68
CA SER B 345 -5.14 28.56 -21.82
C SER B 345 -6.41 29.03 -22.51
N GLU B 346 -6.30 29.42 -23.78
CA GLU B 346 -7.50 29.81 -24.51
C GLU B 346 -8.45 28.63 -24.68
N PHE B 347 -7.90 27.43 -24.91
CA PHE B 347 -8.74 26.25 -25.03
C PHE B 347 -9.50 25.97 -23.75
N ARG B 348 -8.83 26.08 -22.60
CA ARG B 348 -9.52 25.88 -21.33
C ARG B 348 -10.57 26.95 -21.10
N GLU B 349 -10.25 28.21 -21.40
CA GLU B 349 -11.19 29.29 -21.15
C GLU B 349 -12.41 29.19 -22.04
N TRP B 350 -12.23 28.75 -23.29
CA TRP B 350 -13.35 28.66 -24.21
C TRP B 350 -14.39 27.63 -23.75
N GLY B 351 -13.93 26.51 -23.21
CA GLY B 351 -14.83 25.48 -22.72
C GLY B 351 -15.66 25.91 -21.53
N THR B 367 -21.98 6.87 -18.68
CA THR B 367 -22.42 5.88 -17.71
C THR B 367 -22.40 6.44 -16.29
N CYS B 368 -21.75 5.74 -15.37
CA CYS B 368 -21.70 6.13 -13.96
C CYS B 368 -20.34 6.73 -13.62
N ASN B 369 -20.35 7.65 -12.67
CA ASN B 369 -19.14 8.34 -12.22
C ASN B 369 -18.42 9.01 -13.39
N GLN B 370 -19.19 9.73 -14.19
CA GLN B 370 -18.64 10.35 -15.40
C GLN B 370 -19.17 11.75 -15.65
N GLU B 371 -19.69 12.42 -14.63
CA GLU B 371 -20.26 13.75 -14.83
C GLU B 371 -20.05 14.59 -13.58
N CYS B 372 -19.46 15.77 -13.77
CA CYS B 372 -19.35 16.77 -12.71
C CYS B 372 -19.82 18.11 -13.25
N ASP B 373 -20.59 18.83 -12.43
CA ASP B 373 -21.18 20.10 -12.82
C ASP B 373 -20.52 21.30 -12.18
N ASN B 374 -20.18 21.20 -10.89
CA ASN B 374 -19.56 22.32 -10.19
C ASN B 374 -18.13 22.59 -10.64
N CYS B 375 -17.56 21.71 -11.45
CA CYS B 375 -16.15 21.86 -11.83
C CYS B 375 -15.92 23.16 -12.60
N LEU B 376 -16.83 23.50 -13.52
CA LEU B 376 -16.65 24.72 -14.30
C LEU B 376 -16.68 25.96 -13.40
N ASN B 377 -17.70 26.07 -12.55
CA ASN B 377 -17.80 27.25 -11.70
C ASN B 377 -16.70 27.30 -10.66
N ALA B 378 -16.15 26.15 -10.28
CA ALA B 378 -15.03 26.13 -9.34
C ALA B 378 -13.74 26.56 -10.02
N THR B 379 -13.51 26.09 -11.26
CA THR B 379 -12.29 26.43 -11.96
C THR B 379 -12.32 27.81 -12.61
N LEU B 380 -13.50 28.44 -12.69
CA LEU B 380 -13.56 29.80 -13.22
C LEU B 380 -12.81 30.76 -12.31
N SER B 381 -12.95 30.60 -11.00
CA SER B 381 -12.26 31.48 -10.06
C SER B 381 -10.75 31.27 -10.06
N PHE B 382 -10.28 30.11 -10.52
CA PHE B 382 -8.85 29.82 -10.57
C PHE B 382 -8.26 30.02 -11.95
N ASN B 383 -8.98 30.67 -12.85
CA ASN B 383 -8.50 30.82 -14.22
C ASN B 383 -7.19 31.61 -14.28
N THR B 384 -7.12 32.72 -13.54
CA THR B 384 -5.96 33.60 -13.65
C THR B 384 -4.71 32.96 -13.07
N ILE B 385 -4.82 32.39 -11.87
CA ILE B 385 -3.67 31.76 -11.24
C ILE B 385 -3.23 30.54 -12.04
N LEU B 386 -4.17 29.74 -12.53
CA LEU B 386 -3.83 28.60 -13.37
C LEU B 386 -3.15 29.05 -14.65
N ARG B 387 -3.65 30.14 -15.25
CA ARG B 387 -3.05 30.64 -16.48
C ARG B 387 -1.62 31.12 -16.25
N LEU B 388 -1.39 31.84 -15.15
CA LEU B 388 -0.07 32.39 -14.89
C LEU B 388 0.92 31.33 -14.42
N SER B 389 0.44 30.30 -13.72
CA SER B 389 1.35 29.29 -13.17
C SER B 389 1.97 28.43 -14.26
N GLY B 390 1.48 28.51 -15.49
CA GLY B 390 2.02 27.71 -16.56
C GLY B 390 1.44 26.31 -16.57
N GLU B 391 2.19 25.40 -17.18
CA GLU B 391 1.77 24.02 -17.34
C GLU B 391 2.91 23.11 -16.93
N ARG B 392 2.72 22.36 -15.84
CA ARG B 392 3.73 21.44 -15.33
C ARG B 392 3.27 19.99 -15.43
N VAL B 393 2.14 19.65 -14.82
CA VAL B 393 1.58 18.31 -14.97
C VAL B 393 0.69 18.23 -16.21
N VAL B 394 0.15 19.36 -16.66
CA VAL B 394 -0.57 19.39 -17.91
C VAL B 394 0.33 18.91 -19.05
N TYR B 395 1.60 19.31 -19.01
CA TYR B 395 2.53 18.82 -20.01
C TYR B 395 2.76 17.32 -19.87
N SER B 396 2.72 16.79 -18.64
CA SER B 396 2.84 15.35 -18.48
C SER B 396 1.69 14.62 -19.16
N VAL B 397 0.46 15.12 -18.99
CA VAL B 397 -0.68 14.48 -19.65
C VAL B 397 -0.58 14.63 -21.16
N TYR B 398 -0.18 15.82 -21.62
CA TYR B 398 0.03 16.06 -23.04
C TYR B 398 1.01 15.06 -23.62
N SER B 399 2.14 14.87 -22.94
CA SER B 399 3.16 13.93 -23.41
C SER B 399 2.64 12.50 -23.40
N ALA B 400 1.87 12.13 -22.38
CA ALA B 400 1.33 10.77 -22.35
C ALA B 400 0.43 10.50 -23.54
N VAL B 401 -0.49 11.44 -23.83
CA VAL B 401 -1.39 11.24 -24.95
C VAL B 401 -0.62 11.22 -26.27
N TYR B 402 0.37 12.10 -26.42
CA TYR B 402 1.14 12.12 -27.65
C TYR B 402 1.96 10.85 -27.81
N ALA B 403 2.47 10.29 -26.72
CA ALA B 403 3.20 9.04 -26.79
C ALA B 403 2.29 7.90 -27.24
N VAL B 404 1.07 7.84 -26.69
CA VAL B 404 0.14 6.82 -27.15
C VAL B 404 -0.17 7.00 -28.63
N ALA B 405 -0.40 8.24 -29.05
CA ALA B 405 -0.72 8.49 -30.45
C ALA B 405 0.43 8.09 -31.36
N HIS B 406 1.67 8.38 -30.97
CA HIS B 406 2.80 8.03 -31.82
C HIS B 406 2.99 6.52 -31.86
N ALA B 407 2.74 5.83 -30.74
CA ALA B 407 2.81 4.37 -30.74
C ALA B 407 1.76 3.78 -31.68
N LEU B 408 0.54 4.31 -31.64
CA LEU B 408 -0.50 3.85 -32.54
C LEU B 408 -0.17 4.18 -33.98
N HIS B 409 0.44 5.33 -34.21
CA HIS B 409 0.85 5.74 -35.56
C HIS B 409 1.89 4.79 -36.13
N SER B 410 2.85 4.37 -35.29
CA SER B 410 3.85 3.42 -35.76
C SER B 410 3.26 2.03 -35.93
N LEU B 411 2.38 1.61 -35.03
CA LEU B 411 1.80 0.28 -35.12
C LEU B 411 0.95 0.12 -36.38
N LEU B 412 0.17 1.15 -36.71
CA LEU B 412 -0.58 1.13 -37.95
C LEU B 412 0.33 1.24 -39.16
N GLY B 413 1.53 1.79 -38.99
CA GLY B 413 2.49 1.85 -40.07
C GLY B 413 2.09 2.74 -41.24
N CYS B 414 1.58 3.93 -40.96
CA CYS B 414 1.22 4.88 -42.00
C CYS B 414 2.08 6.13 -41.90
N ASP B 415 2.32 6.77 -43.05
CA ASP B 415 3.17 7.94 -43.13
C ASP B 415 2.51 8.97 -44.04
N LYS B 416 1.92 9.99 -43.42
CA LYS B 416 1.37 11.16 -44.11
C LYS B 416 0.30 10.80 -45.13
N SER B 417 -0.30 9.61 -45.01
CA SER B 417 -1.32 9.16 -45.95
C SER B 417 -2.29 8.27 -45.19
N THR B 418 -3.16 7.59 -45.93
CA THR B 418 -4.14 6.72 -45.31
C THR B 418 -3.45 5.60 -44.54
N CYS B 419 -4.04 5.22 -43.42
CA CYS B 419 -3.51 4.15 -42.59
C CYS B 419 -4.15 2.82 -42.95
N THR B 420 -3.54 1.74 -42.49
CA THR B 420 -4.03 0.40 -42.83
C THR B 420 -5.29 0.03 -42.06
N LYS B 421 -5.57 0.70 -40.95
CA LYS B 421 -6.82 0.53 -40.21
C LYS B 421 -7.02 -0.92 -39.76
N ARG B 422 -5.93 -1.61 -39.43
CA ARG B 422 -6.05 -2.98 -38.97
C ARG B 422 -6.52 -3.03 -37.53
N VAL B 423 -6.94 -4.22 -37.09
CA VAL B 423 -7.35 -4.39 -35.71
C VAL B 423 -6.14 -4.29 -34.80
N VAL B 424 -6.31 -3.62 -33.67
CA VAL B 424 -5.22 -3.33 -32.76
C VAL B 424 -5.52 -3.96 -31.42
N TYR B 425 -4.74 -4.96 -31.04
CA TYR B 425 -4.84 -5.52 -29.71
C TYR B 425 -4.04 -4.69 -28.72
N PRO B 426 -4.46 -4.62 -27.47
CA PRO B 426 -3.74 -3.80 -26.49
C PRO B 426 -2.29 -4.21 -26.29
N TRP B 427 -2.00 -5.51 -26.30
CA TRP B 427 -0.63 -5.94 -26.06
C TRP B 427 0.30 -5.53 -27.20
N GLN B 428 -0.22 -5.51 -28.44
CA GLN B 428 0.59 -5.01 -29.55
C GLN B 428 0.94 -3.54 -29.35
N LEU B 429 -0.03 -2.74 -28.91
CA LEU B 429 0.25 -1.33 -28.65
C LEU B 429 1.26 -1.17 -27.52
N LEU B 430 1.15 -2.00 -26.48
CA LEU B 430 2.15 -1.94 -25.41
C LEU B 430 3.54 -2.27 -25.94
N GLU B 431 3.64 -3.28 -26.81
CA GLU B 431 4.92 -3.65 -27.37
C GLU B 431 5.51 -2.53 -28.22
N GLU B 432 4.66 -1.84 -28.98
CA GLU B 432 5.14 -0.77 -29.84
C GLU B 432 5.33 0.55 -29.12
N ILE B 433 4.81 0.69 -27.90
CA ILE B 433 4.90 1.97 -27.19
C ILE B 433 6.22 2.16 -26.48
N TRP B 434 6.98 1.10 -26.22
CA TRP B 434 8.27 1.27 -25.57
C TRP B 434 9.27 1.97 -26.47
N LYS B 435 9.05 1.96 -27.78
CA LYS B 435 10.03 2.46 -28.74
C LYS B 435 9.69 3.84 -29.28
N VAL B 436 8.74 4.54 -28.66
CA VAL B 436 8.40 5.88 -29.13
C VAL B 436 9.57 6.82 -28.87
N ASN B 437 9.82 7.71 -29.82
CA ASN B 437 10.90 8.68 -29.68
C ASN B 437 10.61 9.84 -30.63
N PHE B 438 10.33 11.01 -30.08
CA PHE B 438 9.97 12.17 -30.87
C PHE B 438 10.27 13.43 -30.07
N THR B 439 10.20 14.57 -30.74
CA THR B 439 10.35 15.87 -30.11
C THR B 439 8.97 16.49 -29.93
N LEU B 440 8.60 16.74 -28.68
CA LEU B 440 7.32 17.34 -28.33
C LEU B 440 7.59 18.64 -27.59
N LEU B 441 7.19 19.76 -28.18
CA LEU B 441 7.41 21.09 -27.59
C LEU B 441 8.87 21.29 -27.22
N ASP B 442 9.75 20.94 -28.15
CA ASP B 442 11.20 21.07 -27.98
C ASP B 442 11.68 20.32 -26.75
N HIS B 443 11.11 19.14 -26.52
CA HIS B 443 11.56 18.21 -25.49
C HIS B 443 11.66 16.82 -26.10
N GLN B 444 12.47 15.98 -25.47
CA GLN B 444 12.66 14.61 -25.94
C GLN B 444 11.79 13.67 -25.11
N ILE B 445 11.06 12.79 -25.79
CA ILE B 445 10.16 11.84 -25.16
C ILE B 445 10.56 10.45 -25.58
N PHE B 446 11.16 9.69 -24.67
CA PHE B 446 11.43 8.28 -24.86
C PHE B 446 11.41 7.60 -23.51
N PHE B 447 11.16 6.30 -23.51
CA PHE B 447 10.92 5.56 -22.29
C PHE B 447 12.16 4.78 -21.90
N ASP B 448 12.57 4.91 -20.63
CA ASP B 448 13.67 4.16 -20.09
C ASP B 448 13.33 2.67 -20.11
N PRO B 449 14.29 1.79 -19.83
CA PRO B 449 13.95 0.37 -19.66
C PRO B 449 12.97 0.11 -18.53
N GLN B 450 12.82 1.04 -17.59
CA GLN B 450 11.88 0.91 -16.48
C GLN B 450 10.63 1.77 -16.66
N GLY B 451 10.33 2.17 -17.89
CA GLY B 451 9.11 2.92 -18.14
C GLY B 451 9.04 4.29 -17.51
N ASP B 452 10.09 5.09 -17.65
CA ASP B 452 10.09 6.46 -17.17
C ASP B 452 10.51 7.40 -18.29
N VAL B 453 10.06 8.64 -18.22
CA VAL B 453 10.43 9.68 -19.17
C VAL B 453 11.38 10.64 -18.49
N ALA B 454 12.47 10.98 -19.18
CA ALA B 454 13.48 11.88 -18.64
C ALA B 454 13.01 13.33 -18.82
N LEU B 455 12.18 13.76 -17.88
CA LEU B 455 11.69 15.13 -17.82
C LEU B 455 12.37 15.86 -16.68
N HIS B 456 12.86 17.07 -16.95
CA HIS B 456 13.58 17.82 -15.93
C HIS B 456 12.65 18.24 -14.81
N LEU B 457 13.11 18.09 -13.58
CA LEU B 457 12.39 18.60 -12.42
C LEU B 457 12.75 20.07 -12.22
N GLU B 458 12.13 20.70 -11.23
CA GLU B 458 12.36 22.11 -10.97
C GLU B 458 11.95 22.42 -9.54
N ILE B 459 12.78 23.20 -8.85
CA ILE B 459 12.42 23.72 -7.54
C ILE B 459 11.76 25.07 -7.72
N VAL B 460 10.55 25.22 -7.18
CA VAL B 460 9.78 26.45 -7.32
C VAL B 460 9.67 27.10 -5.95
N GLN B 461 9.78 28.43 -5.93
CA GLN B 461 9.63 29.20 -4.71
C GLN B 461 8.32 29.97 -4.78
N TRP B 462 7.46 29.77 -3.80
CA TRP B 462 6.16 30.42 -3.81
C TRP B 462 6.35 31.90 -3.57
N GLN B 463 6.01 32.72 -4.55
CA GLN B 463 6.00 34.17 -4.39
C GLN B 463 4.58 34.68 -4.60
N TRP B 464 4.13 35.55 -3.70
CA TRP B 464 2.74 36.00 -3.66
C TRP B 464 2.62 37.30 -4.43
N ASP B 465 2.23 37.20 -5.69
CA ASP B 465 1.95 38.38 -6.52
C ASP B 465 0.98 37.95 -7.60
N ARG B 466 -0.29 38.34 -7.45
CA ARG B 466 -1.32 37.87 -8.36
C ARG B 466 -1.10 38.34 -9.80
N SER B 467 -0.32 39.40 -10.00
CA SER B 467 -0.03 39.86 -11.35
C SER B 467 1.08 39.06 -12.01
N GLN B 468 1.86 38.31 -11.24
CA GLN B 468 2.98 37.53 -11.76
C GLN B 468 2.76 36.05 -11.51
N ASN B 469 3.77 35.25 -11.82
CA ASN B 469 3.68 33.81 -11.68
C ASN B 469 3.56 33.42 -10.22
N PRO B 470 2.51 32.70 -9.82
CA PRO B 470 2.42 32.28 -8.41
C PRO B 470 3.47 31.28 -8.01
N PHE B 471 4.08 30.57 -8.96
CA PHE B 471 5.13 29.59 -8.68
C PHE B 471 6.35 29.97 -9.50
N GLN B 472 7.18 30.85 -8.96
CA GLN B 472 8.42 31.22 -9.63
C GLN B 472 9.38 30.05 -9.58
N SER B 473 10.11 29.86 -10.67
CA SER B 473 11.08 28.76 -10.78
C SER B 473 12.48 29.29 -10.49
N VAL B 474 13.21 28.56 -9.65
CA VAL B 474 14.54 29.00 -9.23
C VAL B 474 15.64 28.04 -9.60
N ALA B 475 15.37 26.75 -9.77
CA ALA B 475 16.44 25.80 -10.08
C ALA B 475 15.90 24.71 -10.98
N SER B 476 16.78 24.16 -11.81
CA SER B 476 16.42 23.12 -12.77
C SER B 476 17.26 21.89 -12.49
N TYR B 477 16.62 20.73 -12.44
CA TYR B 477 17.29 19.47 -12.15
C TYR B 477 17.18 18.55 -13.36
N TYR B 478 18.30 17.99 -13.79
CA TYR B 478 18.33 17.11 -14.95
C TYR B 478 18.45 15.67 -14.51
N PRO B 479 17.40 14.86 -14.63
CA PRO B 479 17.48 13.49 -14.10
C PRO B 479 18.54 12.63 -14.78
N LEU B 480 18.90 12.95 -16.02
CA LEU B 480 19.80 12.08 -16.78
C LEU B 480 21.17 11.99 -16.13
N GLN B 481 21.70 13.13 -15.68
CA GLN B 481 22.99 13.16 -14.99
C GLN B 481 22.85 13.31 -13.49
N ARG B 482 21.63 13.43 -12.98
CA ARG B 482 21.36 13.57 -11.55
C ARG B 482 22.14 14.75 -10.96
N GLN B 483 22.12 15.87 -11.68
CA GLN B 483 22.82 17.08 -11.26
C GLN B 483 21.84 18.24 -11.25
N LEU B 484 21.82 18.99 -10.16
CA LEU B 484 20.99 20.18 -10.04
C LEU B 484 21.85 21.41 -10.31
N LYS B 485 21.40 22.25 -11.24
CA LYS B 485 22.21 23.38 -11.68
C LYS B 485 21.29 24.54 -12.02
N ASN B 486 21.92 25.67 -12.38
CA ASN B 486 21.23 26.89 -12.76
C ASN B 486 20.35 27.43 -11.64
N ILE B 487 20.89 27.44 -10.43
CA ILE B 487 20.17 28.02 -9.29
C ILE B 487 20.24 29.54 -9.40
N GLN B 488 19.08 30.18 -9.32
CA GLN B 488 18.94 31.61 -9.51
C GLN B 488 18.66 32.29 -8.17
N ASP B 489 18.36 33.59 -8.25
CA ASP B 489 18.08 34.37 -7.05
C ASP B 489 16.83 33.84 -6.35
N ILE B 490 16.91 33.76 -5.02
CA ILE B 490 15.79 33.32 -4.19
C ILE B 490 15.50 34.42 -3.17
N SER B 491 14.23 34.80 -3.07
CA SER B 491 13.80 35.84 -2.13
C SER B 491 13.60 35.20 -0.76
N TRP B 492 14.62 35.27 0.09
CA TRP B 492 14.57 34.65 1.39
C TRP B 492 13.73 35.47 2.37
N HIS B 493 13.47 34.88 3.52
CA HIS B 493 12.70 35.53 4.58
C HIS B 493 13.58 36.21 5.62
N THR B 494 14.90 36.20 5.45
CA THR B 494 15.82 36.76 6.44
C THR B 494 15.84 38.28 6.33
N ILE B 495 16.58 38.90 7.24
CA ILE B 495 16.54 40.36 7.38
C ILE B 495 17.21 41.03 6.19
N ASN B 496 18.37 40.53 5.78
CA ASN B 496 19.15 41.17 4.73
C ASN B 496 19.29 40.26 3.51
N ASN B 497 18.30 39.40 3.29
CA ASN B 497 18.30 38.46 2.15
C ASN B 497 19.53 37.56 2.16
N THR B 498 19.95 37.13 3.34
CA THR B 498 21.03 36.17 3.48
C THR B 498 20.46 34.76 3.57
N ILE B 499 21.28 33.78 3.20
CA ILE B 499 20.82 32.39 3.18
C ILE B 499 20.51 31.96 4.60
N PRO B 500 19.32 31.40 4.86
CA PRO B 500 19.03 30.89 6.21
C PRO B 500 20.02 29.80 6.59
N MET B 501 20.42 29.83 7.85
CA MET B 501 21.41 28.88 8.36
C MET B 501 20.68 27.80 9.15
N SER B 502 20.89 26.54 8.76
CA SER B 502 20.36 25.39 9.47
C SER B 502 21.51 24.42 9.69
N MET B 503 22.26 24.63 10.77
CA MET B 503 23.34 23.74 11.15
C MET B 503 23.26 23.52 12.65
N CYS B 504 23.43 22.28 13.08
CA CYS B 504 23.35 21.97 14.50
C CYS B 504 24.64 22.25 15.24
N SER B 505 25.71 22.62 14.54
CA SER B 505 27.00 22.87 15.18
C SER B 505 27.79 23.84 14.33
N LYS B 506 28.24 24.94 14.94
CA LYS B 506 29.15 25.85 14.27
C LYS B 506 30.48 25.15 14.02
N ARG B 507 31.09 25.44 12.86
CA ARG B 507 32.35 24.82 12.51
C ARG B 507 33.43 25.17 13.53
N CYS B 508 34.27 24.18 13.84
CA CYS B 508 35.33 24.38 14.82
C CYS B 508 36.54 25.07 14.20
N LYS B 514 36.53 18.87 18.94
CA LYS B 514 35.61 18.36 17.92
C LYS B 514 34.92 17.10 18.39
N LYS B 515 34.81 16.93 19.70
CA LYS B 515 34.23 15.71 20.24
C LYS B 515 32.74 15.65 19.91
N PRO B 516 32.23 14.51 19.47
CA PRO B 516 30.82 14.42 19.09
C PRO B 516 29.91 14.23 20.29
N VAL B 517 28.71 14.80 20.17
CA VAL B 517 27.65 14.63 21.16
C VAL B 517 26.39 14.21 20.43
N GLY B 518 25.77 13.13 20.90
CA GLY B 518 24.56 12.61 20.29
C GLY B 518 24.86 11.66 19.15
N ILE B 519 23.79 11.05 18.65
CA ILE B 519 23.91 10.07 17.57
C ILE B 519 24.42 10.74 16.31
N HIS B 520 23.86 11.91 15.97
CA HIS B 520 24.14 12.52 14.68
C HIS B 520 25.59 12.95 14.57
N VAL B 521 26.20 12.65 13.43
CA VAL B 521 27.61 12.97 13.22
C VAL B 521 27.82 14.47 13.13
N CYS B 522 26.87 15.18 12.51
CA CYS B 522 27.01 16.62 12.31
C CYS B 522 26.90 17.41 13.61
N CYS B 523 26.48 16.80 14.71
CA CYS B 523 26.37 17.47 15.99
C CYS B 523 27.60 17.18 16.85
N PHE B 524 28.17 18.23 17.42
CA PHE B 524 29.35 18.11 18.28
C PHE B 524 29.48 19.38 19.09
N GLU B 525 30.49 19.43 19.96
CA GLU B 525 30.85 20.64 20.67
C GLU B 525 32.31 20.95 20.40
N CYS B 526 32.60 22.20 20.07
CA CYS B 526 33.96 22.59 19.73
C CYS B 526 34.86 22.50 20.94
N ILE B 527 36.11 22.09 20.70
CA ILE B 527 37.08 21.93 21.77
C ILE B 527 38.34 22.71 21.44
O3 RRY C . -2.04 15.04 -3.25
C3 RRY C . -2.44 13.70 -3.55
C4 RRY C . -3.91 13.67 -3.76
O4 RRY C . -4.55 13.12 -2.60
C5 RRY C . -4.14 12.78 -4.92
C6 RRY C . -5.19 13.37 -5.80
CL6 RRY C . -6.67 13.69 -4.84
O5 RRY C . -2.88 12.70 -5.66
C2 RRY C . -1.81 13.26 -4.82
C1 RRY C . -0.79 12.22 -4.53
CL1 RRY C . -1.40 11.10 -3.26
O2 RRY C . -1.19 14.35 -5.44
C1 RRJ C . -1.60 14.51 -6.76
O5 RRJ C . -2.34 15.71 -6.85
C5 RRJ C . -2.49 16.35 -8.10
C6 RRJ C . -3.50 15.59 -8.95
O6 RRJ C . -4.73 15.58 -8.31
C4 RRJ C . -1.17 16.50 -8.85
CL4 RRJ C . -1.26 15.61 -10.40
C3 RRJ C . -0.03 15.95 -8.02
O3 RRJ C . 1.15 15.98 -8.78
C2 RRJ C . -0.35 14.51 -7.65
O2 RRJ C . 0.71 13.96 -6.94
C1 NAG D . -7.89 -10.35 30.74
C2 NAG D . -9.34 -10.56 31.20
C3 NAG D . -9.52 -10.03 32.63
C4 NAG D . -8.45 -10.62 33.55
C5 NAG D . -7.08 -10.31 32.95
C6 NAG D . -5.91 -10.78 33.77
C7 NAG D . -10.96 -10.56 29.37
C8 NAG D . -11.83 -9.67 28.51
N2 NAG D . -10.23 -9.90 30.30
O3 NAG D . -10.81 -10.36 33.06
O4 NAG D . -8.60 -10.04 34.82
O5 NAG D . -7.01 -10.92 31.68
O6 NAG D . -4.71 -10.55 33.07
O7 NAG D . -10.93 -11.76 29.23
C1 NAG E . 27.06 -14.50 7.96
C2 NAG E . 26.79 -15.00 6.54
C3 NAG E . 28.12 -15.32 5.86
C4 NAG E . 29.07 -14.14 5.95
C5 NAG E . 29.20 -13.73 7.42
C6 NAG E . 30.14 -12.57 7.65
C7 NAG E . 24.73 -16.23 6.03
C8 NAG E . 24.02 -17.55 6.20
N2 NAG E . 25.95 -16.17 6.58
O3 NAG E . 27.84 -15.69 4.53
O4 NAG E . 30.30 -14.55 5.39
O5 NAG E . 27.92 -13.40 7.91
O6 NAG E . 29.77 -11.48 6.85
O7 NAG E . 24.20 -15.29 5.46
C1 NAG F . 29.36 -0.60 20.01
C2 NAG F . 30.75 -0.48 19.38
C3 NAG F . 31.77 -0.93 20.41
C4 NAG F . 31.62 -0.14 21.70
C5 NAG F . 30.15 -0.12 22.16
C6 NAG F . 29.90 0.83 23.32
C7 NAG F . 30.62 -2.52 17.92
C8 NAG F . 30.84 -2.95 16.49
N2 NAG F . 30.86 -1.21 18.13
O3 NAG F . 33.06 -0.76 19.84
O4 NAG F . 32.44 -0.76 22.66
O5 NAG F . 29.32 0.29 21.10
O6 NAG F . 30.00 2.15 22.86
O7 NAG F . 30.26 -3.31 18.77
C1 NAG G . -38.21 -23.78 11.32
C2 NAG G . -39.59 -23.37 11.85
C3 NAG G . -40.67 -24.23 11.20
C4 NAG G . -40.57 -24.13 9.70
C5 NAG G . -39.14 -24.49 9.27
C6 NAG G . -38.93 -24.41 7.77
C7 NAG G . -39.48 -24.53 14.07
C8 NAG G . -39.60 -24.27 15.55
N2 NAG G . -39.65 -23.44 13.29
O3 NAG G . -41.92 -23.78 11.67
O4 NAG G . -41.52 -25.01 9.14
O5 NAG G . -38.22 -23.63 9.91
O6 NAG G . -39.45 -23.20 7.28
O7 NAG G . -39.26 -25.66 13.64
C1 NAG H . -19.92 -37.60 7.73
C2 NAG H . -18.45 -37.97 7.96
C3 NAG H . -18.14 -39.29 7.27
C4 NAG H . -19.14 -40.37 7.69
C5 NAG H . -20.56 -39.85 7.50
C6 NAG H . -21.64 -40.82 7.93
C7 NAG H . -16.83 -36.10 8.19
C8 NAG H . -16.92 -36.32 9.69
N2 NAG H . -17.59 -36.92 7.45
O3 NAG H . -16.82 -39.65 7.59
O4 NAG H . -18.89 -41.51 6.89
O5 NAG H . -20.72 -38.65 8.23
O6 NAG H . -22.91 -40.26 7.69
O7 NAG H . -16.12 -35.23 7.73
C1 NAG I . -26.84 1.74 -8.35
C2 NAG I . -27.48 2.77 -7.42
C3 NAG I . -28.93 3.00 -7.82
C4 NAG I . -29.02 3.34 -9.30
C5 NAG I . -28.30 2.26 -10.12
C6 NAG I . -28.33 2.49 -11.61
C7 NAG I . -26.49 2.81 -5.15
C8 NAG I . -25.55 3.89 -5.63
N2 NAG I . -27.36 2.35 -6.06
O3 NAG I . -29.45 4.02 -7.01
O4 NAG I . -30.38 3.41 -9.62
O5 NAG I . -26.96 2.17 -9.69
O6 NAG I . -29.64 2.32 -12.10
O7 NAG I . -26.43 2.40 -4.00
C1 NAG J . 6.82 -36.26 -3.64
C2 NAG J . 7.06 -35.09 -4.60
C3 NAG J . 8.25 -35.42 -5.50
C4 NAG J . 9.46 -35.77 -4.66
C5 NAG J . 9.10 -36.91 -3.69
C6 NAG J . 10.22 -37.27 -2.76
C7 NAG J . 5.41 -33.58 -5.67
C8 NAG J . 6.21 -32.42 -5.12
N2 NAG J . 5.89 -34.81 -5.38
O3 NAG J . 8.49 -34.33 -6.32
O4 NAG J . 10.49 -36.15 -5.53
O5 NAG J . 7.99 -36.52 -2.90
O6 NAG J . 10.69 -36.10 -2.12
O7 NAG J . 4.41 -33.39 -6.34
C1 NAG K . -23.46 -6.23 18.63
C2 NAG K . -23.68 -7.43 19.55
C3 NAG K . -24.09 -6.94 20.93
C4 NAG K . -23.08 -5.92 21.45
C5 NAG K . -22.88 -4.81 20.41
C6 NAG K . -21.84 -3.77 20.80
C7 NAG K . -24.57 -9.65 18.90
C8 NAG K . -23.28 -10.24 19.43
N2 NAG K . -24.68 -8.31 19.00
O3 NAG K . -24.20 -8.05 21.78
O4 NAG K . -23.59 -5.41 22.66
O5 NAG K . -22.48 -5.39 19.19
O6 NAG K . -20.56 -4.38 20.87
O7 NAG K . -25.43 -10.36 18.43
C1 NAG L . 22.16 44.94 5.68
C2 NAG L . 22.86 45.25 7.02
C3 NAG L . 23.12 46.75 7.13
C4 NAG L . 23.88 47.25 5.91
C5 NAG L . 23.13 46.82 4.64
C6 NAG L . 23.84 47.21 3.35
C7 NAG L . 22.38 43.74 8.91
C8 NAG L . 21.39 43.44 10.00
N2 NAG L . 22.07 44.78 8.13
O3 NAG L . 23.83 46.97 8.31
O4 NAG L . 23.97 48.65 6.01
O5 NAG L . 22.97 45.42 4.63
O6 NAG L . 25.08 46.55 3.27
O7 NAG L . 23.39 43.06 8.76
C1 NAG M . -8.29 22.86 -34.27
C2 NAG M . -9.72 22.77 -34.79
C3 NAG M . -10.55 23.92 -34.19
C4 NAG M . -10.36 24.05 -32.68
C5 NAG M . -8.87 23.98 -32.31
C6 NAG M . -8.60 23.94 -30.83
C7 NAG M . -9.44 23.80 -37.06
C8 NAG M . -9.60 23.50 -38.52
N2 NAG M . -9.77 22.79 -36.23
O3 NAG M . -11.89 23.70 -34.52
O4 NAG M . -10.91 25.28 -32.29
O5 NAG M . -8.32 22.81 -32.86
O6 NAG M . -7.31 23.45 -30.60
O7 NAG M . -9.03 24.90 -36.70
C1 NAG N . 15.68 9.55 -29.97
C2 NAG N . 16.93 8.77 -29.56
C3 NAG N . 18.06 9.76 -29.28
C4 NAG N . 18.26 10.68 -30.48
C5 NAG N . 16.93 11.36 -30.82
C6 NAG N . 16.99 12.29 -32.00
C7 NAG N . 16.80 6.62 -28.36
C8 NAG N . 16.49 5.99 -27.02
N2 NAG N . 16.69 7.96 -28.40
O3 NAG N . 19.22 9.03 -28.98
O4 NAG N . 19.25 11.62 -30.13
O5 NAG N . 15.98 10.35 -31.10
O6 NAG N . 17.34 11.59 -33.16
O7 NAG N . 17.14 5.95 -29.31
C1 NAG O . -8.34 33.06 -1.83
C2 NAG O . -9.80 32.62 -2.04
C3 NAG O . -10.74 33.82 -1.99
C4 NAG O . -10.47 34.71 -0.78
C5 NAG O . -8.96 34.99 -0.67
C6 NAG O . -8.59 35.80 0.56
C7 NAG O . -9.80 32.03 -4.56
C8 NAG O . -9.31 33.37 -5.07
N2 NAG O . -9.99 31.81 -3.24
O3 NAG O . -12.06 33.34 -1.99
O4 NAG O . -11.20 35.90 -0.95
O5 NAG O . -8.26 33.77 -0.62
O6 NAG O . -9.05 35.15 1.72
O7 NAG O . -10.05 31.15 -5.38
C1 NAG P . -18.23 22.12 14.56
C2 NAG P . -17.38 23.40 14.65
C3 NAG P . -18.26 24.65 14.53
C4 NAG P . -19.21 24.54 13.34
C5 NAG P . -19.96 23.22 13.41
C6 NAG P . -20.94 23.02 12.27
C7 NAG P . -17.06 23.38 17.13
C8 NAG P . -15.97 23.42 18.18
N2 NAG P . -16.60 23.42 15.86
O3 NAG P . -17.41 25.76 14.43
O4 NAG P . -20.08 25.65 13.41
O5 NAG P . -19.02 22.16 13.39
O6 NAG P . -20.30 23.23 11.04
O7 NAG P . -18.24 23.32 17.44
C1 NAG Q . 1.38 34.92 18.10
C2 NAG Q . 0.77 36.14 18.80
C3 NAG Q . 0.74 35.95 20.32
C4 NAG Q . 0.06 34.64 20.66
C5 NAG Q . 0.74 33.51 19.88
C6 NAG Q . 0.15 32.15 20.17
C7 NAG Q . 2.75 37.67 18.65
C8 NAG Q . 3.15 39.03 18.16
N2 NAG Q . 1.45 37.36 18.44
O3 NAG Q . 0.09 37.06 20.88
O4 NAG Q . 0.17 34.46 22.04
O5 NAG Q . 0.64 33.77 18.50
O6 NAG Q . -1.26 32.26 20.26
O7 NAG Q . 3.56 36.93 19.19
C1 NAG R . -22.11 29.53 -11.86
C2 NAG R . -23.38 28.76 -12.22
C3 NAG R . -24.29 29.66 -13.05
C4 NAG R . -24.55 30.96 -12.30
C5 NAG R . -23.22 31.60 -11.89
C6 NAG R . -23.38 32.87 -11.08
C7 NAG R . -23.19 26.30 -12.39
C8 NAG R . -23.67 26.24 -10.97
N2 NAG R . -23.08 27.54 -12.92
O3 NAG R . -25.48 28.96 -13.32
O4 NAG R . -25.29 31.80 -13.15
O5 NAG R . -22.47 30.67 -11.13
O6 NAG R . -22.13 33.25 -10.56
O7 NAG R . -22.92 25.28 -13.02
#